data_6QOY
#
_entry.id   6QOY
#
_cell.length_a   41.855
_cell.length_b   122.553
_cell.length_c   78.988
_cell.angle_alpha   90.00
_cell.angle_beta   98.64
_cell.angle_gamma   90.00
#
_symmetry.space_group_name_H-M   'P 1 21 1'
#
loop_
_entity.id
_entity.type
_entity.pdbx_description
1 polymer 'Lytic endopeptidase preproenzyme'
2 non-polymer 'SULFATE ION'
3 non-polymer '4-(2-AMINOETHYL)BENZENESULFONYL FLUORIDE'
4 non-polymer GLYCEROL
5 non-polymer 'TRIETHYLENE GLYCOL'
6 non-polymer '4-(2-azanylethyl)benzenesulfonic acid'
7 non-polymer 'CHLORIDE ION'
8 non-polymer DI(HYDROXYETHYL)ETHER
9 water water
#
_entity_poly.entity_id   1
_entity_poly.type   'polypeptide(L)'
_entity_poly.pdbx_seq_one_letter_code
;VNVLGGIEYSINNATLCSVGFSVTRGATKGFVTAGHCGGVGAIVRIGGTQVGSFAARVFPGNDRAWVSVGSAHTLQGAVS
NYSGGTIAIRGSAEAAIGAAVCRSGRTTGYRCGNITAKNVTANYAEGAVRGLTQGNACMGRGDSGGSWFTSAGQAQGVMS
GGNVQSNGNNCGIPASQRSSLFERVGPILSQYGLSLVTS
;
_entity_poly.pdbx_strand_id   A,B,C,D
#
# COMPACT_ATOMS: atom_id res chain seq x y z
N VAL A 1 -13.29 -30.90 -17.17
CA VAL A 1 -12.49 -29.68 -17.30
C VAL A 1 -12.26 -29.14 -15.90
N ASN A 2 -11.24 -28.29 -15.74
CA ASN A 2 -10.92 -27.68 -14.46
C ASN A 2 -11.57 -26.30 -14.36
N VAL A 3 -12.25 -26.05 -13.24
CA VAL A 3 -12.85 -24.74 -12.98
C VAL A 3 -11.90 -23.94 -12.09
N LEU A 4 -11.57 -22.73 -12.53
CA LEU A 4 -10.51 -21.94 -11.91
C LEU A 4 -10.89 -20.46 -12.04
N GLY A 5 -10.74 -19.69 -10.96
CA GLY A 5 -11.04 -18.28 -11.04
C GLY A 5 -10.30 -17.57 -12.15
N GLY A 6 -10.98 -16.66 -12.86
CA GLY A 6 -10.36 -15.85 -13.89
C GLY A 6 -10.41 -16.40 -15.32
N ILE A 7 -10.65 -17.69 -15.50
CA ILE A 7 -10.60 -18.27 -16.84
C ILE A 7 -11.86 -17.96 -17.64
N GLU A 8 -11.72 -17.97 -18.95
CA GLU A 8 -12.81 -17.68 -19.86
C GLU A 8 -13.89 -18.74 -19.79
N TYR A 9 -15.15 -18.31 -19.90
CA TYR A 9 -16.25 -19.22 -20.19
C TYR A 9 -17.20 -18.54 -21.16
N SER A 10 -17.89 -19.35 -21.97
CA SER A 10 -18.84 -18.81 -22.94
C SER A 10 -20.25 -19.05 -22.45
N ILE A 11 -21.17 -18.18 -22.91
CA ILE A 11 -22.56 -18.21 -22.50
C ILE A 11 -23.41 -18.35 -23.77
N ASN A 12 -24.20 -19.42 -23.84
CA ASN A 12 -25.06 -19.68 -25.01
C ASN A 12 -24.24 -19.74 -26.28
N ASN A 13 -22.95 -20.04 -26.16
CA ASN A 13 -22.07 -20.12 -27.33
C ASN A 13 -22.02 -18.79 -28.07
N ALA A 14 -22.27 -17.68 -27.36
CA ALA A 14 -22.44 -16.36 -27.97
C ALA A 14 -21.57 -15.27 -27.36
N THR A 15 -21.45 -15.23 -26.03
CA THR A 15 -20.71 -14.18 -25.34
C THR A 15 -19.73 -14.81 -24.37
N LEU A 16 -18.88 -13.96 -23.79
CA LEU A 16 -17.77 -14.39 -22.95
C LEU A 16 -17.79 -13.66 -21.63
N CYS A 17 -17.46 -14.38 -20.57
CA CYS A 17 -17.20 -13.81 -19.26
C CYS A 17 -16.08 -14.61 -18.63
N SER A 18 -15.75 -14.29 -17.37
CA SER A 18 -14.67 -14.94 -16.66
C SER A 18 -15.16 -15.53 -15.35
N VAL A 19 -14.67 -16.71 -15.02
CA VAL A 19 -15.04 -17.36 -13.76
C VAL A 19 -14.67 -16.49 -12.56
N GLY A 20 -15.62 -16.33 -11.62
CA GLY A 20 -15.36 -15.70 -10.34
C GLY A 20 -14.64 -16.59 -9.34
N PHE A 21 -15.36 -17.51 -8.69
CA PHE A 21 -14.77 -18.41 -7.70
C PHE A 21 -15.47 -19.76 -7.70
N SER A 22 -14.69 -20.84 -7.67
CA SER A 22 -15.25 -22.16 -7.46
C SER A 22 -16.01 -22.20 -6.14
N VAL A 23 -17.18 -22.84 -6.16
CA VAL A 23 -17.99 -23.01 -4.95
C VAL A 23 -18.63 -24.38 -4.95
N THR A 24 -19.15 -24.76 -3.79
CA THR A 24 -20.00 -25.93 -3.65
C THR A 24 -21.30 -25.56 -2.95
N ARG A 25 -22.34 -26.32 -3.22
CA ARG A 25 -23.58 -26.25 -2.47
C ARG A 25 -23.92 -27.69 -2.12
N GLY A 26 -23.54 -28.10 -0.91
CA GLY A 26 -23.58 -29.52 -0.61
C GLY A 26 -22.64 -30.24 -1.55
N ALA A 27 -23.15 -31.27 -2.21
CA ALA A 27 -22.36 -32.02 -3.17
C ALA A 27 -22.33 -31.37 -4.54
N THR A 28 -23.14 -30.33 -4.77
CA THR A 28 -23.23 -29.73 -6.09
C THR A 28 -22.05 -28.79 -6.32
N LYS A 29 -21.42 -28.93 -7.48
CA LYS A 29 -20.29 -28.09 -7.85
C LYS A 29 -20.78 -26.87 -8.61
N GLY A 30 -20.00 -25.80 -8.58
CA GLY A 30 -20.39 -24.59 -9.28
C GLY A 30 -19.35 -23.51 -9.16
N PHE A 31 -19.68 -22.35 -9.74
CA PHE A 31 -18.87 -21.16 -9.50
C PHE A 31 -19.73 -19.91 -9.51
N VAL A 32 -19.30 -18.91 -8.73
CA VAL A 32 -20.00 -17.63 -8.69
C VAL A 32 -19.42 -16.71 -9.75
N THR A 33 -20.25 -15.79 -10.21
CA THR A 33 -19.85 -14.88 -11.29
C THR A 33 -20.84 -13.72 -11.28
N ALA A 34 -20.80 -12.90 -12.33
CA ALA A 34 -21.70 -11.77 -12.44
C ALA A 34 -23.05 -12.17 -13.04
N GLY A 35 -24.12 -11.58 -12.51
CA GLY A 35 -25.46 -11.85 -13.04
C GLY A 35 -25.67 -11.36 -14.47
N HIS A 36 -25.05 -10.25 -14.83
CA HIS A 36 -25.22 -9.76 -16.20
C HIS A 36 -24.58 -10.68 -17.26
N CYS A 37 -23.84 -11.70 -16.85
CA CYS A 37 -23.20 -12.56 -17.84
C CYS A 37 -24.16 -13.55 -18.47
N GLY A 38 -25.24 -13.90 -17.79
CA GLY A 38 -26.18 -14.84 -18.35
C GLY A 38 -27.53 -14.79 -17.68
N GLY A 39 -28.59 -14.99 -18.46
CA GLY A 39 -29.90 -15.21 -17.90
C GLY A 39 -29.97 -16.58 -17.26
N VAL A 40 -31.03 -16.80 -16.50
CA VAL A 40 -31.25 -18.09 -15.87
C VAL A 40 -31.29 -19.17 -16.94
N GLY A 41 -30.62 -20.29 -16.66
CA GLY A 41 -30.57 -21.42 -17.57
C GLY A 41 -29.55 -21.34 -18.68
N ALA A 42 -28.91 -20.20 -18.88
CA ALA A 42 -27.94 -20.05 -19.96
C ALA A 42 -26.85 -21.12 -19.87
N ILE A 43 -26.50 -21.68 -21.03
CA ILE A 43 -25.57 -22.80 -21.13
C ILE A 43 -24.13 -22.29 -21.05
N VAL A 44 -23.30 -22.91 -20.21
CA VAL A 44 -21.94 -22.46 -19.95
C VAL A 44 -20.95 -23.48 -20.48
N ARG A 45 -19.94 -23.00 -21.22
CA ARG A 45 -18.88 -23.83 -21.73
C ARG A 45 -17.53 -23.27 -21.28
N ILE A 46 -16.61 -24.16 -20.94
N ILE A 46 -16.64 -24.18 -20.88
CA ILE A 46 -15.21 -23.80 -20.73
CA ILE A 46 -15.25 -23.87 -20.55
C ILE A 46 -14.40 -24.49 -21.82
C ILE A 46 -14.37 -24.86 -21.28
N GLY A 47 -13.63 -23.71 -22.56
N GLY A 47 -13.33 -24.35 -21.93
CA GLY A 47 -12.87 -24.25 -23.69
CA GLY A 47 -12.39 -25.23 -22.62
C GLY A 47 -13.71 -24.97 -24.72
C GLY A 47 -13.04 -26.12 -23.66
N GLY A 48 -15.01 -24.67 -24.80
N GLY A 48 -13.96 -25.56 -24.46
CA GLY A 48 -15.90 -25.30 -25.76
CA GLY A 48 -14.56 -26.28 -25.56
C GLY A 48 -16.65 -26.52 -25.24
C GLY A 48 -15.57 -27.34 -25.19
N THR A 49 -16.32 -27.01 -24.05
N THR A 49 -16.20 -27.23 -24.02
CA THR A 49 -17.00 -28.12 -23.42
CA THR A 49 -17.08 -28.28 -23.54
C THR A 49 -18.13 -27.60 -22.53
C THR A 49 -18.08 -27.71 -22.55
N GLN A 50 -19.34 -28.16 -22.68
CA GLN A 50 -20.41 -27.80 -21.76
C GLN A 50 -20.06 -28.24 -20.35
N VAL A 51 -20.17 -27.33 -19.38
CA VAL A 51 -19.90 -27.67 -17.99
C VAL A 51 -21.11 -27.44 -17.09
N GLY A 52 -22.08 -26.64 -17.50
CA GLY A 52 -23.27 -26.45 -16.70
C GLY A 52 -24.10 -25.30 -17.23
N SER A 53 -24.79 -24.64 -16.32
CA SER A 53 -25.68 -23.56 -16.73
C SER A 53 -25.89 -22.62 -15.56
N PHE A 54 -26.36 -21.42 -15.88
CA PHE A 54 -26.69 -20.44 -14.86
C PHE A 54 -27.82 -20.94 -13.98
N ALA A 55 -27.49 -21.22 -12.70
CA ALA A 55 -28.48 -21.76 -11.78
C ALA A 55 -29.43 -20.69 -11.28
N ALA A 56 -28.91 -19.50 -10.99
CA ALA A 56 -29.68 -18.40 -10.46
C ALA A 56 -28.91 -17.11 -10.73
N ARG A 57 -29.64 -16.00 -10.73
CA ARG A 57 -29.00 -14.72 -11.07
C ARG A 57 -29.86 -13.60 -10.51
N VAL A 58 -29.20 -12.49 -10.18
CA VAL A 58 -29.88 -11.22 -9.95
C VAL A 58 -29.10 -10.14 -10.68
N PHE A 59 -29.76 -9.46 -11.61
CA PHE A 59 -29.22 -8.32 -12.34
C PHE A 59 -30.35 -7.70 -13.15
N PRO A 60 -30.55 -6.39 -13.08
CA PRO A 60 -29.75 -5.46 -12.28
C PRO A 60 -30.21 -5.40 -10.81
N GLY A 61 -30.08 -4.25 -10.17
CA GLY A 61 -30.32 -4.18 -8.74
C GLY A 61 -29.10 -4.69 -7.98
N ASN A 62 -28.85 -5.99 -8.09
CA ASN A 62 -27.56 -6.58 -7.77
C ASN A 62 -26.87 -6.95 -9.09
N ASP A 63 -25.80 -7.73 -9.01
CA ASP A 63 -25.12 -8.26 -10.21
C ASP A 63 -24.35 -9.50 -9.82
N ARG A 64 -25.07 -10.62 -9.70
CA ARG A 64 -24.54 -11.82 -9.11
C ARG A 64 -25.22 -13.03 -9.74
N ALA A 65 -24.53 -14.15 -9.72
CA ALA A 65 -25.08 -15.39 -10.24
C ALA A 65 -24.19 -16.53 -9.75
N TRP A 66 -24.68 -17.74 -9.90
CA TRP A 66 -23.80 -18.90 -9.82
C TRP A 66 -24.19 -19.91 -10.88
N VAL A 67 -23.16 -20.58 -11.39
CA VAL A 67 -23.27 -21.54 -12.47
C VAL A 67 -23.07 -22.91 -11.82
N SER A 68 -24.04 -23.81 -11.93
CA SER A 68 -23.85 -25.14 -11.39
C SER A 68 -23.04 -25.98 -12.37
N VAL A 69 -22.05 -26.69 -11.85
CA VAL A 69 -21.06 -27.39 -12.66
C VAL A 69 -21.29 -28.89 -12.53
N GLY A 70 -21.32 -29.58 -13.67
CA GLY A 70 -21.52 -31.02 -13.65
C GLY A 70 -20.41 -31.73 -12.88
N SER A 71 -20.77 -32.88 -12.31
CA SER A 71 -19.87 -33.58 -11.40
C SER A 71 -18.62 -34.12 -12.10
N ALA A 72 -18.63 -34.25 -13.43
CA ALA A 72 -17.45 -34.73 -14.14
C ALA A 72 -16.29 -33.75 -14.06
N HIS A 73 -16.55 -32.51 -13.70
CA HIS A 73 -15.52 -31.49 -13.74
C HIS A 73 -14.91 -31.29 -12.36
N THR A 74 -13.72 -30.71 -12.34
CA THR A 74 -12.98 -30.50 -11.11
C THR A 74 -13.01 -29.03 -10.74
N LEU A 75 -13.22 -28.75 -9.45
CA LEU A 75 -13.17 -27.39 -8.95
C LEU A 75 -11.79 -27.11 -8.36
N GLN A 76 -11.25 -25.94 -8.64
CA GLN A 76 -10.00 -25.52 -8.04
C GLN A 76 -10.23 -24.26 -7.22
N GLY A 77 -9.88 -24.32 -5.93
CA GLY A 77 -10.04 -23.20 -5.04
C GLY A 77 -8.91 -22.19 -5.19
N ALA A 78 -8.81 -21.60 -6.37
CA ALA A 78 -7.69 -20.73 -6.70
C ALA A 78 -8.11 -19.83 -7.84
N VAL A 79 -7.24 -18.87 -8.16
CA VAL A 79 -7.46 -17.95 -9.27
C VAL A 79 -6.23 -18.01 -10.17
N SER A 80 -6.44 -17.98 -11.49
CA SER A 80 -5.30 -17.96 -12.41
C SER A 80 -4.55 -16.63 -12.35
N ASN A 81 -3.22 -16.68 -12.45
CA ASN A 81 -2.44 -15.46 -12.55
C ASN A 81 -2.04 -15.13 -14.00
N TYR A 82 -2.57 -15.87 -14.96
CA TYR A 82 -2.36 -15.61 -16.38
C TYR A 82 -0.88 -15.57 -16.77
N SER A 83 -0.06 -16.31 -16.03
CA SER A 83 1.32 -16.58 -16.43
C SER A 83 1.73 -17.98 -15.99
N GLY A 84 0.77 -18.90 -15.93
CA GLY A 84 1.03 -20.31 -15.69
C GLY A 84 0.81 -20.78 -14.27
N GLY A 85 0.51 -19.87 -13.34
CA GLY A 85 0.33 -20.20 -11.94
C GLY A 85 -1.07 -19.88 -11.43
N THR A 86 -1.26 -20.15 -10.14
CA THR A 86 -2.51 -19.82 -9.46
C THR A 86 -2.20 -19.15 -8.14
N ILE A 87 -3.20 -18.44 -7.62
CA ILE A 87 -3.18 -17.86 -6.28
C ILE A 87 -4.23 -18.60 -5.47
N ALA A 88 -3.81 -19.23 -4.39
CA ALA A 88 -4.75 -19.98 -3.56
C ALA A 88 -5.80 -19.05 -2.97
N ILE A 89 -7.06 -19.51 -2.97
CA ILE A 89 -8.15 -18.81 -2.28
C ILE A 89 -8.32 -19.45 -0.91
N ARG A 90 -8.33 -18.62 0.14
CA ARG A 90 -8.37 -19.15 1.49
C ARG A 90 -9.55 -18.67 2.33
N GLY A 91 -10.28 -17.67 1.87
CA GLY A 91 -11.45 -17.20 2.58
C GLY A 91 -12.08 -16.04 1.84
N SER A 92 -13.06 -15.40 2.48
CA SER A 92 -13.76 -14.26 1.89
C SER A 92 -13.79 -13.06 2.83
N ALA A 93 -12.73 -12.83 3.61
CA ALA A 93 -12.69 -11.65 4.46
C ALA A 93 -12.56 -10.39 3.61
N GLU A 94 -13.45 -9.44 3.85
CA GLU A 94 -13.51 -8.21 3.05
C GLU A 94 -12.41 -7.23 3.45
N ALA A 95 -11.79 -6.61 2.46
CA ALA A 95 -10.70 -5.67 2.69
C ALA A 95 -11.23 -4.25 2.70
N ALA A 96 -10.54 -3.37 3.42
CA ALA A 96 -10.98 -1.99 3.56
C ALA A 96 -10.52 -1.11 2.41
N ILE A 97 -11.13 0.07 2.30
CA ILE A 97 -10.68 1.06 1.33
C ILE A 97 -9.20 1.32 1.51
N GLY A 98 -8.46 1.33 0.41
CA GLY A 98 -7.03 1.56 0.42
C GLY A 98 -6.21 0.29 0.34
N ALA A 99 -6.79 -0.84 0.71
CA ALA A 99 -6.09 -2.12 0.67
C ALA A 99 -5.81 -2.53 -0.77
N ALA A 100 -4.73 -3.28 -0.94
CA ALA A 100 -4.34 -3.79 -2.24
C ALA A 100 -5.24 -4.95 -2.66
N VAL A 101 -5.47 -5.04 -3.97
CA VAL A 101 -6.37 -6.04 -4.50
C VAL A 101 -6.00 -6.30 -5.95
N CYS A 102 -6.23 -7.52 -6.41
CA CYS A 102 -6.01 -7.86 -7.81
C CYS A 102 -7.28 -8.51 -8.35
N ARG A 103 -7.32 -8.64 -9.68
CA ARG A 103 -8.44 -9.30 -10.33
C ARG A 103 -7.90 -10.07 -11.52
N SER A 104 -8.69 -11.03 -12.00
CA SER A 104 -8.23 -11.91 -13.06
C SER A 104 -9.38 -12.17 -14.02
N GLY A 105 -9.09 -12.08 -15.32
CA GLY A 105 -10.12 -12.24 -16.34
C GLY A 105 -9.50 -12.46 -17.71
N ARG A 106 -10.36 -12.85 -18.65
CA ARG A 106 -9.93 -13.35 -19.94
C ARG A 106 -9.46 -12.26 -20.89
N THR A 107 -9.82 -11.01 -20.65
CA THR A 107 -9.40 -9.98 -21.60
C THR A 107 -8.08 -9.30 -21.20
N THR A 108 -7.97 -8.85 -19.96
CA THR A 108 -6.78 -8.16 -19.48
C THR A 108 -5.91 -9.03 -18.57
N GLY A 109 -6.29 -10.28 -18.34
CA GLY A 109 -5.45 -11.16 -17.55
C GLY A 109 -5.50 -10.77 -16.08
N TYR A 110 -4.31 -10.71 -15.46
CA TYR A 110 -4.18 -10.48 -14.03
C TYR A 110 -3.72 -9.04 -13.82
N ARG A 111 -4.51 -8.27 -13.07
CA ARG A 111 -4.26 -6.84 -12.88
C ARG A 111 -4.50 -6.46 -11.42
N CYS A 112 -3.68 -5.53 -10.91
CA CYS A 112 -3.75 -5.17 -9.49
C CYS A 112 -3.95 -3.68 -9.30
N GLY A 113 -4.46 -3.33 -8.12
CA GLY A 113 -4.66 -1.95 -7.75
C GLY A 113 -5.09 -1.88 -6.30
N ASN A 114 -5.93 -0.90 -5.98
CA ASN A 114 -6.41 -0.73 -4.62
C ASN A 114 -7.93 -0.59 -4.60
N ILE A 115 -8.52 -0.99 -3.48
CA ILE A 115 -9.92 -0.66 -3.20
CA ILE A 115 -9.91 -0.65 -3.23
C ILE A 115 -10.02 0.85 -2.95
N THR A 116 -10.92 1.51 -3.68
CA THR A 116 -11.02 2.96 -3.56
C THR A 116 -12.37 3.49 -3.07
N ALA A 117 -13.45 2.71 -3.13
CA ALA A 117 -14.73 3.15 -2.57
C ALA A 117 -15.66 1.95 -2.41
N LYS A 118 -16.68 2.13 -1.56
CA LYS A 118 -17.67 1.09 -1.32
C LYS A 118 -19.07 1.67 -1.43
N ASN A 119 -20.05 0.77 -1.63
CA ASN A 119 -21.46 1.12 -1.76
C ASN A 119 -21.71 2.12 -2.88
N VAL A 120 -21.10 1.87 -4.02
CA VAL A 120 -21.29 2.67 -5.23
C VAL A 120 -22.46 2.12 -6.04
N THR A 121 -23.25 3.02 -6.63
CA THR A 121 -24.28 2.65 -7.59
C THR A 121 -23.78 2.89 -9.01
N ALA A 122 -23.84 1.85 -9.82
CA ALA A 122 -23.58 1.97 -11.25
C ALA A 122 -24.90 2.11 -12.00
N ASN A 123 -25.00 3.16 -12.82
CA ASN A 123 -26.18 3.37 -13.66
C ASN A 123 -25.95 2.76 -15.04
N TYR A 124 -26.02 1.42 -15.07
CA TYR A 124 -25.86 0.66 -16.30
C TYR A 124 -27.03 0.92 -17.26
N ALA A 125 -26.81 0.58 -18.53
CA ALA A 125 -27.89 0.71 -19.51
C ALA A 125 -29.09 -0.15 -19.14
N GLU A 126 -28.85 -1.33 -18.56
CA GLU A 126 -29.93 -2.21 -18.14
C GLU A 126 -30.62 -1.75 -16.88
N GLY A 127 -30.06 -0.78 -16.16
CA GLY A 127 -30.63 -0.31 -14.91
C GLY A 127 -29.57 -0.21 -13.83
N ALA A 128 -30.00 0.36 -12.70
CA ALA A 128 -29.08 0.60 -11.60
C ALA A 128 -28.66 -0.72 -10.96
N VAL A 129 -27.39 -0.80 -10.57
CA VAL A 129 -26.92 -1.83 -9.65
C VAL A 129 -26.29 -1.11 -8.46
N ARG A 130 -26.73 -1.46 -7.26
CA ARG A 130 -26.36 -0.73 -6.07
C ARG A 130 -25.33 -1.52 -5.26
N GLY A 131 -24.65 -0.82 -4.35
CA GLY A 131 -23.79 -1.50 -3.40
C GLY A 131 -22.49 -2.02 -3.94
N LEU A 132 -22.00 -1.48 -5.06
CA LEU A 132 -20.78 -2.02 -5.66
C LEU A 132 -19.56 -1.42 -4.99
N THR A 133 -18.48 -2.21 -4.95
CA THR A 133 -17.18 -1.76 -4.46
C THR A 133 -16.35 -1.37 -5.66
N GLN A 134 -15.61 -0.27 -5.51
CA GLN A 134 -14.77 0.25 -6.59
C GLN A 134 -13.30 0.03 -6.27
N GLY A 135 -12.55 -0.45 -7.26
CA GLY A 135 -11.10 -0.47 -7.20
C GLY A 135 -10.54 0.26 -8.40
N ASN A 136 -9.20 0.40 -8.43
CA ASN A 136 -8.56 1.03 -9.57
C ASN A 136 -7.63 0.11 -10.34
N ALA A 137 -7.66 -1.19 -10.08
CA ALA A 137 -7.10 -2.13 -11.04
C ALA A 137 -7.89 -2.02 -12.34
N CYS A 138 -7.21 -2.20 -13.47
CA CYS A 138 -7.90 -1.99 -14.73
C CYS A 138 -8.60 -3.28 -15.19
N MET A 139 -9.45 -3.13 -16.20
CA MET A 139 -10.24 -4.27 -16.68
C MET A 139 -10.77 -3.93 -18.06
N GLY A 140 -11.28 -4.96 -18.75
CA GLY A 140 -11.83 -4.77 -20.09
C GLY A 140 -13.00 -5.69 -20.36
N ARG A 141 -13.79 -5.29 -21.36
CA ARG A 141 -14.93 -6.12 -21.81
C ARG A 141 -14.50 -7.56 -21.99
N GLY A 142 -15.18 -8.47 -21.28
CA GLY A 142 -14.83 -9.87 -21.23
C GLY A 142 -14.32 -10.32 -19.87
N ASP A 143 -13.73 -9.40 -19.09
CA ASP A 143 -13.31 -9.71 -17.73
C ASP A 143 -14.49 -9.86 -16.77
N SER A 144 -15.69 -9.50 -17.23
CA SER A 144 -16.88 -9.48 -16.37
C SER A 144 -17.11 -10.85 -15.72
N GLY A 145 -17.57 -10.83 -14.48
CA GLY A 145 -17.74 -12.03 -13.69
C GLY A 145 -16.49 -12.56 -13.03
N GLY A 146 -15.31 -11.99 -13.34
CA GLY A 146 -14.05 -12.54 -12.89
C GLY A 146 -13.68 -12.18 -11.46
N SER A 147 -12.69 -12.92 -10.95
CA SER A 147 -12.31 -12.90 -9.54
C SER A 147 -11.69 -11.56 -9.15
N TRP A 148 -12.09 -11.03 -7.99
CA TRP A 148 -11.35 -9.98 -7.27
C TRP A 148 -10.92 -10.52 -5.91
N PHE A 149 -9.66 -10.29 -5.54
CA PHE A 149 -9.09 -11.00 -4.40
C PHE A 149 -7.84 -10.31 -3.89
N THR A 150 -7.59 -10.40 -2.59
CA THR A 150 -6.33 -9.90 -2.06
C THR A 150 -5.22 -10.92 -2.31
N SER A 151 -3.97 -10.41 -2.35
CA SER A 151 -2.84 -11.27 -2.68
C SER A 151 -2.70 -12.42 -1.70
N ALA A 152 -3.10 -12.22 -0.44
CA ALA A 152 -3.11 -13.28 0.56
C ALA A 152 -4.27 -14.25 0.38
N GLY A 153 -5.14 -14.04 -0.61
CA GLY A 153 -6.12 -15.04 -0.99
C GLY A 153 -7.52 -14.90 -0.44
N GLN A 154 -7.92 -13.69 -0.05
CA GLN A 154 -9.29 -13.46 0.41
C GLN A 154 -10.14 -12.97 -0.76
N ALA A 155 -11.16 -13.76 -1.11
CA ALA A 155 -12.04 -13.37 -2.21
C ALA A 155 -12.81 -12.12 -1.84
N GLN A 156 -12.79 -11.12 -2.73
CA GLN A 156 -13.53 -9.88 -2.53
C GLN A 156 -14.85 -9.85 -3.29
N GLY A 157 -14.85 -10.29 -4.54
CA GLY A 157 -16.03 -10.16 -5.36
C GLY A 157 -15.75 -10.50 -6.80
N VAL A 158 -16.77 -10.25 -7.61
CA VAL A 158 -16.82 -10.63 -9.02
C VAL A 158 -16.98 -9.37 -9.86
N MET A 159 -16.31 -9.34 -11.01
CA MET A 159 -16.22 -8.15 -11.86
C MET A 159 -17.59 -7.77 -12.42
N SER A 160 -17.99 -6.50 -12.25
CA SER A 160 -19.33 -6.10 -12.67
C SER A 160 -19.33 -5.07 -13.80
N GLY A 161 -18.58 -3.98 -13.66
CA GLY A 161 -18.53 -2.97 -14.70
C GLY A 161 -17.46 -1.93 -14.42
N GLY A 162 -17.51 -0.84 -15.17
CA GLY A 162 -16.64 0.31 -14.91
C GLY A 162 -16.39 1.11 -16.18
N ASN A 163 -15.50 2.11 -16.05
CA ASN A 163 -15.38 3.15 -17.08
C ASN A 163 -14.40 2.75 -18.18
N VAL A 164 -14.82 1.77 -18.98
CA VAL A 164 -14.00 1.38 -20.12
C VAL A 164 -14.01 2.49 -21.15
N GLN A 165 -12.87 2.62 -21.84
CA GLN A 165 -12.68 3.63 -22.87
C GLN A 165 -13.03 2.99 -24.22
N SER A 166 -12.83 3.76 -25.30
CA SER A 166 -13.27 3.29 -26.61
C SER A 166 -12.57 2.01 -27.05
N ASN A 167 -11.39 1.70 -26.50
CA ASN A 167 -10.76 0.42 -26.79
C ASN A 167 -11.35 -0.74 -25.98
N GLY A 168 -12.43 -0.51 -25.24
CA GLY A 168 -13.04 -1.56 -24.46
C GLY A 168 -12.42 -1.86 -23.11
N ASN A 169 -11.42 -1.09 -22.67
CA ASN A 169 -10.83 -1.30 -21.35
C ASN A 169 -10.47 0.05 -20.73
N ASN A 170 -10.06 0.04 -19.45
CA ASN A 170 -9.53 1.25 -18.83
C ASN A 170 -8.05 1.10 -18.46
N CYS A 171 -7.34 0.21 -19.15
CA CYS A 171 -5.93 0.04 -18.87
C CYS A 171 -5.07 1.12 -19.52
N GLY A 172 -5.58 1.80 -20.53
CA GLY A 172 -4.86 2.86 -21.21
C GLY A 172 -4.84 4.19 -20.48
N ILE A 173 -5.49 4.29 -19.33
CA ILE A 173 -5.47 5.51 -18.50
C ILE A 173 -4.88 5.11 -17.15
N PRO A 174 -4.27 6.05 -16.41
CA PRO A 174 -3.68 5.69 -15.12
C PRO A 174 -4.72 5.31 -14.10
N ALA A 175 -4.28 4.55 -13.10
CA ALA A 175 -5.19 4.01 -12.10
C ALA A 175 -6.05 5.10 -11.46
N SER A 176 -5.48 6.29 -11.28
CA SER A 176 -6.21 7.37 -10.61
C SER A 176 -7.44 7.82 -11.39
N GLN A 177 -7.52 7.52 -12.68
CA GLN A 177 -8.69 7.86 -13.47
C GLN A 177 -9.66 6.68 -13.60
N ARG A 178 -9.40 5.56 -12.95
CA ARG A 178 -10.13 4.33 -13.21
C ARG A 178 -11.26 4.14 -12.21
N SER A 179 -12.36 3.60 -12.69
CA SER A 179 -13.45 3.14 -11.83
C SER A 179 -13.81 1.74 -12.28
N SER A 180 -13.46 0.75 -11.47
CA SER A 180 -13.69 -0.65 -11.78
C SER A 180 -14.48 -1.24 -10.63
N LEU A 181 -15.68 -1.73 -10.94
CA LEU A 181 -16.70 -2.02 -9.92
C LEU A 181 -16.91 -3.52 -9.83
N PHE A 182 -16.90 -4.04 -8.61
CA PHE A 182 -17.20 -5.44 -8.41
C PHE A 182 -18.30 -5.61 -7.38
N GLU A 183 -19.06 -6.69 -7.58
CA GLU A 183 -20.12 -7.14 -6.67
C GLU A 183 -19.48 -7.94 -5.56
N ARG A 184 -19.72 -7.55 -4.30
CA ARG A 184 -19.09 -8.22 -3.17
CA ARG A 184 -19.09 -8.22 -3.17
C ARG A 184 -19.49 -9.69 -3.13
N VAL A 185 -18.52 -10.56 -2.84
CA VAL A 185 -18.79 -11.99 -2.91
C VAL A 185 -19.61 -12.49 -1.72
N GLY A 186 -19.44 -11.89 -0.54
CA GLY A 186 -20.13 -12.30 0.67
C GLY A 186 -21.62 -12.51 0.53
N PRO A 187 -22.34 -11.50 0.02
CA PRO A 187 -23.80 -11.68 -0.14
C PRO A 187 -24.18 -12.76 -1.16
N ILE A 188 -23.35 -12.99 -2.20
CA ILE A 188 -23.65 -14.06 -3.15
C ILE A 188 -23.59 -15.42 -2.46
N LEU A 189 -22.53 -15.66 -1.68
CA LEU A 189 -22.42 -16.91 -0.95
C LEU A 189 -23.60 -17.08 0.00
N SER A 190 -24.02 -15.98 0.64
CA SER A 190 -25.10 -16.08 1.61
C SER A 190 -26.45 -16.31 0.93
N GLN A 191 -26.76 -15.54 -0.11
CA GLN A 191 -28.05 -15.65 -0.77
C GLN A 191 -28.28 -17.07 -1.28
N TYR A 192 -27.27 -17.70 -1.86
CA TYR A 192 -27.46 -19.00 -2.51
C TYR A 192 -26.94 -20.16 -1.68
N GLY A 193 -26.48 -19.90 -0.46
CA GLY A 193 -25.96 -20.95 0.41
C GLY A 193 -24.78 -21.69 -0.18
N LEU A 194 -23.82 -20.95 -0.71
CA LEU A 194 -22.66 -21.52 -1.38
C LEU A 194 -21.43 -21.40 -0.49
N SER A 195 -20.47 -22.32 -0.70
CA SER A 195 -19.24 -22.32 0.07
C SER A 195 -18.06 -22.20 -0.86
N LEU A 196 -17.16 -21.28 -0.54
CA LEU A 196 -15.92 -21.14 -1.28
C LEU A 196 -15.14 -22.43 -1.23
N VAL A 197 -14.62 -22.86 -2.37
CA VAL A 197 -13.56 -23.87 -2.38
C VAL A 197 -12.25 -23.18 -2.04
N THR A 198 -11.54 -23.70 -1.03
CA THR A 198 -10.29 -23.10 -0.61
C THR A 198 -9.11 -24.06 -0.81
N SER A 199 -7.90 -23.49 -0.80
CA SER A 199 -6.69 -24.30 -0.91
C SER A 199 -5.51 -23.57 -0.31
N VAL B 1 -13.18 8.06 27.41
CA VAL B 1 -12.11 7.08 27.48
C VAL B 1 -11.85 6.59 26.06
N ASN B 2 -10.65 6.11 25.79
CA ASN B 2 -10.34 5.55 24.49
C ASN B 2 -10.47 4.03 24.56
N VAL B 3 -11.17 3.44 23.59
CA VAL B 3 -11.31 1.99 23.51
C VAL B 3 -10.26 1.43 22.55
N LEU B 4 -9.41 0.55 23.07
CA LEU B 4 -8.27 -0.01 22.34
C LEU B 4 -8.15 -1.50 22.67
N GLY B 5 -7.86 -2.31 21.65
CA GLY B 5 -7.68 -3.73 21.89
C GLY B 5 -6.64 -4.06 22.95
N GLY B 6 -6.96 -5.02 23.81
CA GLY B 6 -6.02 -5.55 24.78
C GLY B 6 -6.06 -4.89 26.14
N ILE B 7 -6.64 -3.69 26.24
CA ILE B 7 -6.64 -2.97 27.50
C ILE B 7 -7.65 -3.57 28.47
N GLU B 8 -7.40 -3.32 29.76
CA GLU B 8 -8.20 -3.86 30.84
C GLU B 8 -9.58 -3.20 30.90
N TYR B 9 -10.60 -4.01 31.19
CA TYR B 9 -11.87 -3.48 31.65
C TYR B 9 -12.35 -4.33 32.82
N SER B 10 -13.23 -3.75 33.63
CA SER B 10 -13.81 -4.46 34.75
C SER B 10 -15.30 -4.70 34.48
N ILE B 11 -15.82 -5.77 35.09
CA ILE B 11 -17.20 -6.21 34.90
C ILE B 11 -17.90 -6.16 36.25
N ASN B 12 -18.92 -5.31 36.35
CA ASN B 12 -19.68 -5.16 37.61
C ASN B 12 -18.77 -4.78 38.78
N ASN B 13 -17.65 -4.12 38.50
CA ASN B 13 -16.71 -3.71 39.55
C ASN B 13 -16.14 -4.91 40.27
N ALA B 14 -16.17 -6.08 39.66
CA ALA B 14 -15.87 -7.31 40.39
C ALA B 14 -14.78 -8.15 39.74
N THR B 15 -14.74 -8.24 38.42
CA THR B 15 -13.80 -9.10 37.70
C THR B 15 -13.19 -8.32 36.54
N LEU B 16 -12.12 -8.87 35.97
CA LEU B 16 -11.38 -8.20 34.92
C LEU B 16 -11.39 -9.04 33.64
N CYS B 17 -11.50 -8.36 32.50
CA CYS B 17 -11.20 -8.99 31.22
C CYS B 17 -10.41 -7.97 30.38
N SER B 18 -10.16 -8.31 29.12
CA SER B 18 -9.44 -7.43 28.21
C SER B 18 -10.25 -7.19 26.95
N VAL B 19 -10.17 -5.97 26.42
CA VAL B 19 -10.92 -5.59 25.23
C VAL B 19 -10.46 -6.40 24.02
N GLY B 20 -11.42 -6.91 23.26
CA GLY B 20 -11.14 -7.61 22.01
C GLY B 20 -10.83 -6.68 20.86
N PHE B 21 -11.86 -6.12 20.22
CA PHE B 21 -11.68 -5.17 19.13
C PHE B 21 -12.77 -4.11 19.14
N SER B 22 -12.40 -2.88 18.80
CA SER B 22 -13.36 -1.83 18.57
C SER B 22 -14.27 -2.19 17.40
N VAL B 23 -15.58 -2.00 17.60
CA VAL B 23 -16.59 -2.25 16.58
C VAL B 23 -17.66 -1.16 16.64
N THR B 24 -18.42 -1.06 15.56
CA THR B 24 -19.62 -0.24 15.52
C THR B 24 -20.78 -1.10 15.03
N ARG B 25 -21.97 -0.78 15.51
N ARG B 25 -21.97 -0.77 15.50
CA ARG B 25 -23.21 -1.34 14.99
CA ARG B 25 -23.22 -1.34 15.00
C ARG B 25 -24.05 -0.14 14.58
C ARG B 25 -24.06 -0.15 14.58
N GLY B 26 -23.95 0.24 13.31
CA GLY B 26 -24.57 1.47 12.88
C GLY B 26 -23.94 2.62 13.65
N ALA B 27 -24.76 3.40 14.34
CA ALA B 27 -24.22 4.52 15.10
C ALA B 27 -23.70 4.12 16.48
N THR B 28 -24.03 2.92 16.95
CA THR B 28 -23.63 2.48 18.28
C THR B 28 -22.15 2.06 18.28
N LYS B 29 -21.38 2.61 19.22
CA LYS B 29 -20.01 2.20 19.41
C LYS B 29 -19.94 1.01 20.37
N GLY B 30 -18.87 0.25 20.29
CA GLY B 30 -18.71 -0.87 21.21
C GLY B 30 -17.45 -1.65 20.96
N PHE B 31 -17.35 -2.81 21.62
CA PHE B 31 -16.25 -3.71 21.34
C PHE B 31 -16.67 -5.16 21.57
N VAL B 32 -16.01 -6.08 20.84
CA VAL B 32 -16.21 -7.51 20.99
C VAL B 32 -15.24 -8.04 22.04
N THR B 33 -15.63 -9.13 22.68
CA THR B 33 -14.87 -9.69 23.79
C THR B 33 -15.38 -11.12 23.98
N ALA B 34 -14.90 -11.79 25.03
CA ALA B 34 -15.31 -13.16 25.24
C ALA B 34 -16.65 -13.21 25.98
N GLY B 35 -17.52 -14.16 25.60
CA GLY B 35 -18.83 -14.26 26.26
C GLY B 35 -18.75 -14.61 27.73
N HIS B 36 -17.72 -15.35 28.15
CA HIS B 36 -17.60 -15.73 29.55
C HIS B 36 -17.23 -14.55 30.45
N CYS B 37 -16.90 -13.40 29.87
CA CYS B 37 -16.56 -12.24 30.69
C CYS B 37 -17.76 -11.62 31.39
N GLY B 38 -18.96 -11.77 30.87
CA GLY B 38 -20.11 -11.15 31.53
C GLY B 38 -21.41 -11.40 30.78
N GLY B 39 -22.50 -11.28 31.55
CA GLY B 39 -23.83 -11.40 30.98
C GLY B 39 -24.35 -10.07 30.46
N VAL B 40 -25.36 -10.16 29.61
CA VAL B 40 -26.08 -8.98 29.13
C VAL B 40 -26.42 -8.06 30.31
N GLY B 41 -26.17 -6.75 30.12
CA GLY B 41 -26.47 -5.79 31.17
C GLY B 41 -25.39 -5.63 32.21
N ALA B 42 -24.32 -6.43 32.16
CA ALA B 42 -23.22 -6.27 33.10
C ALA B 42 -22.47 -4.98 32.79
N ILE B 43 -22.13 -4.25 33.85
CA ILE B 43 -21.59 -2.90 33.75
C ILE B 43 -20.09 -2.94 33.50
N VAL B 44 -19.62 -2.17 32.52
CA VAL B 44 -18.24 -2.22 32.06
C VAL B 44 -17.57 -0.90 32.36
N ARG B 45 -16.39 -0.97 32.97
CA ARG B 45 -15.59 0.19 33.28
C ARG B 45 -14.20 0.06 32.65
N ILE B 46 -13.71 1.14 32.07
N ILE B 46 -13.76 1.15 32.04
CA ILE B 46 -12.31 1.21 31.66
CA ILE B 46 -12.42 1.26 31.44
C ILE B 46 -11.64 2.33 32.46
C ILE B 46 -11.80 2.57 31.92
N GLY B 47 -10.55 1.98 33.15
N GLY B 47 -10.53 2.52 32.29
CA GLY B 47 -9.90 2.93 34.02
CA GLY B 47 -9.80 3.73 32.64
C GLY B 47 -10.77 3.43 35.15
C GLY B 47 -10.47 4.57 33.70
N GLY B 48 -11.67 2.59 35.67
N GLY B 48 -11.09 3.93 34.69
CA GLY B 48 -12.58 2.99 36.74
CA GLY B 48 -11.65 4.62 35.84
C GLY B 48 -13.75 3.84 36.30
C GLY B 48 -13.07 5.13 35.68
N THR B 49 -13.83 4.18 35.01
N THR B 49 -13.73 4.87 34.56
CA THR B 49 -14.90 4.99 34.45
CA THR B 49 -15.08 5.38 34.37
C THR B 49 -15.92 4.09 33.76
C THR B 49 -15.95 4.38 33.63
N GLN B 50 -17.20 4.29 34.07
CA GLN B 50 -18.25 3.54 33.40
C GLN B 50 -18.32 3.91 31.93
N VAL B 51 -18.24 2.92 31.04
CA VAL B 51 -18.36 3.19 29.62
C VAL B 51 -19.57 2.52 28.97
N GLY B 52 -20.14 1.49 29.57
CA GLY B 52 -21.33 0.88 28.98
C GLY B 52 -21.59 -0.49 29.59
N SER B 53 -22.15 -1.38 28.79
CA SER B 53 -22.55 -2.66 29.34
C SER B 53 -22.59 -3.70 28.23
N PHE B 54 -22.50 -4.97 28.63
CA PHE B 54 -22.62 -6.07 27.68
C PHE B 54 -23.95 -5.99 26.96
N ALA B 55 -23.91 -5.97 25.63
CA ALA B 55 -25.13 -5.88 24.85
C ALA B 55 -25.67 -7.25 24.46
N ALA B 56 -24.77 -8.22 24.25
CA ALA B 56 -25.19 -9.56 23.87
C ALA B 56 -24.07 -10.52 24.19
N ARG B 57 -24.43 -11.78 24.43
CA ARG B 57 -23.38 -12.76 24.70
C ARG B 57 -23.91 -14.18 24.58
N VAL B 58 -23.00 -15.08 24.21
CA VAL B 58 -23.26 -16.50 24.20
C VAL B 58 -22.09 -17.18 24.89
N PHE B 59 -22.39 -17.94 25.94
CA PHE B 59 -21.40 -18.73 26.64
C PHE B 59 -22.06 -19.62 27.69
N PRO B 60 -21.73 -20.91 27.74
CA PRO B 60 -20.82 -21.59 26.81
C PRO B 60 -21.47 -21.93 25.45
N GLY B 61 -21.10 -23.06 24.85
CA GLY B 61 -21.57 -23.34 23.52
C GLY B 61 -20.74 -22.57 22.50
N ASN B 62 -20.85 -21.25 22.52
CA ASN B 62 -19.84 -20.37 21.98
C ASN B 62 -19.15 -19.64 23.13
N ASP B 63 -18.30 -18.66 22.80
CA ASP B 63 -17.68 -17.80 23.83
C ASP B 63 -17.50 -16.42 23.20
N ARG B 64 -18.61 -15.72 23.04
CA ARG B 64 -18.60 -14.47 22.32
C ARG B 64 -19.49 -13.46 23.00
N ALA B 65 -19.09 -12.18 22.91
CA ALA B 65 -19.92 -11.11 23.43
C ALA B 65 -19.54 -9.82 22.74
N TRP B 66 -20.41 -8.84 22.90
CA TRP B 66 -20.01 -7.48 22.58
C TRP B 66 -20.58 -6.53 23.62
N VAL B 67 -19.80 -5.48 23.89
CA VAL B 67 -20.12 -4.45 24.86
C VAL B 67 -20.42 -3.19 24.09
N SER B 68 -21.58 -2.60 24.32
CA SER B 68 -21.88 -1.30 23.73
C SER B 68 -21.33 -0.21 24.64
N VAL B 69 -20.96 0.92 24.03
CA VAL B 69 -20.18 1.97 24.69
C VAL B 69 -20.82 3.32 24.40
N GLY B 70 -20.86 4.19 25.41
CA GLY B 70 -21.36 5.54 25.22
C GLY B 70 -20.72 6.30 24.07
N SER B 71 -21.54 7.08 23.36
CA SER B 71 -21.04 7.86 22.22
C SER B 71 -19.92 8.83 22.59
N ALA B 72 -19.83 9.25 23.86
CA ALA B 72 -18.78 10.17 24.29
C ALA B 72 -17.39 9.58 24.15
N HIS B 73 -17.26 8.27 24.13
CA HIS B 73 -15.95 7.65 24.14
C HIS B 73 -15.46 7.45 22.72
N THR B 74 -14.16 7.27 22.58
CA THR B 74 -13.52 7.13 21.28
C THR B 74 -13.09 5.70 21.06
N LEU B 75 -13.37 5.19 19.86
CA LEU B 75 -12.92 3.88 19.44
C LEU B 75 -11.62 4.01 18.65
N GLN B 76 -10.68 3.13 18.91
CA GLN B 76 -9.46 3.04 18.11
CA GLN B 76 -9.47 3.03 18.11
C GLN B 76 -9.42 1.68 17.43
N GLY B 77 -9.28 1.70 16.11
CA GLY B 77 -9.14 0.48 15.34
C GLY B 77 -7.74 -0.09 15.44
N ALA B 78 -7.30 -0.36 16.67
CA ALA B 78 -5.94 -0.82 16.92
C ALA B 78 -5.92 -1.68 18.17
N VAL B 79 -4.76 -2.27 18.44
N VAL B 79 -4.76 -2.27 18.44
CA VAL B 79 -4.55 -3.08 19.64
CA VAL B 79 -4.54 -3.07 19.64
C VAL B 79 -3.28 -2.58 20.31
C VAL B 79 -3.27 -2.57 20.32
N SER B 80 -3.31 -2.51 21.64
CA SER B 80 -2.14 -2.07 22.41
C SER B 80 -1.02 -3.09 22.34
N ASN B 81 0.23 -2.59 22.17
CA ASN B 81 1.38 -3.49 22.24
C ASN B 81 2.00 -3.54 23.63
N TYR B 82 1.39 -2.86 24.60
CA TYR B 82 1.80 -2.87 26.00
C TYR B 82 3.22 -2.37 26.20
N SER B 83 3.73 -1.60 25.25
CA SER B 83 5.00 -0.89 25.45
C SER B 83 4.88 0.53 24.93
N GLY B 84 3.66 1.06 24.87
CA GLY B 84 3.38 2.43 24.52
C GLY B 84 2.92 2.67 23.10
N GLY B 85 2.83 1.62 22.29
CA GLY B 85 2.38 1.77 20.93
C GLY B 85 1.22 0.86 20.60
N THR B 86 0.84 0.80 19.33
CA THR B 86 -0.34 0.09 18.87
C THR B 86 -0.04 -0.67 17.59
N ILE B 87 -0.95 -1.59 17.23
CA ILE B 87 -0.96 -2.25 15.93
C ILE B 87 -2.31 -1.96 15.29
N ALA B 88 -2.29 -1.35 14.10
CA ALA B 88 -3.52 -1.05 13.40
C ALA B 88 -4.21 -2.34 12.95
N ILE B 89 -5.54 -2.37 13.08
CA ILE B 89 -6.36 -3.47 12.60
C ILE B 89 -6.89 -3.09 11.22
N ARG B 90 -6.68 -3.96 10.24
CA ARG B 90 -7.07 -3.69 8.86
C ARG B 90 -8.22 -4.56 8.37
N GLY B 91 -8.53 -5.64 9.07
CA GLY B 91 -9.62 -6.51 8.67
C GLY B 91 -9.59 -7.76 9.51
N SER B 92 -10.24 -8.81 9.02
CA SER B 92 -10.35 -10.05 9.79
C SER B 92 -10.02 -11.26 8.94
N ALA B 93 -8.98 -11.19 8.11
CA ALA B 93 -8.56 -12.34 7.31
C ALA B 93 -8.03 -13.45 8.22
N GLU B 94 -8.64 -14.63 8.17
CA GLU B 94 -8.27 -15.69 9.10
C GLU B 94 -6.93 -16.32 8.71
N ALA B 95 -6.02 -16.39 9.66
CA ALA B 95 -4.68 -16.92 9.42
C ALA B 95 -4.68 -18.45 9.52
N ALA B 96 -3.81 -19.07 8.74
CA ALA B 96 -3.74 -20.52 8.62
C ALA B 96 -2.95 -21.11 9.77
N ILE B 97 -3.08 -22.43 9.92
CA ILE B 97 -2.28 -23.16 10.89
C ILE B 97 -0.79 -22.96 10.58
N GLY B 98 -0.02 -22.59 11.61
CA GLY B 98 1.39 -22.29 11.49
C GLY B 98 1.73 -20.83 11.27
N ALA B 99 0.76 -19.99 11.01
CA ALA B 99 1.06 -18.58 10.80
C ALA B 99 1.34 -17.88 12.13
N ALA B 100 2.14 -16.82 12.05
CA ALA B 100 2.45 -16.04 13.25
C ALA B 100 1.22 -15.28 13.72
N VAL B 101 1.13 -15.13 15.04
CA VAL B 101 0.01 -14.41 15.64
C VAL B 101 0.50 -13.86 16.98
N CYS B 102 -0.12 -12.77 17.42
CA CYS B 102 0.12 -12.25 18.76
C CYS B 102 -1.23 -11.97 19.42
N ARG B 103 -1.19 -11.85 20.75
CA ARG B 103 -2.37 -11.47 21.50
C ARG B 103 -1.98 -10.40 22.53
N SER B 104 -3.00 -9.71 23.04
CA SER B 104 -2.81 -8.58 23.95
C SER B 104 -3.86 -8.67 25.04
N GLY B 105 -3.43 -8.52 26.29
CA GLY B 105 -4.34 -8.58 27.42
C GLY B 105 -3.67 -7.99 28.64
N ARG B 106 -4.47 -7.76 29.68
CA ARG B 106 -4.05 -7.01 30.87
C ARG B 106 -3.13 -7.77 31.79
N THR B 107 -3.05 -9.10 31.68
CA THR B 107 -2.27 -9.87 32.65
C THR B 107 -0.87 -10.15 32.14
N THR B 108 -0.75 -10.72 30.93
CA THR B 108 0.55 -11.02 30.33
C THR B 108 0.99 -9.99 29.31
N GLY B 109 0.19 -8.96 29.07
CA GLY B 109 0.57 -7.96 28.09
C GLY B 109 0.50 -8.51 26.66
N TYR B 110 1.60 -8.34 25.93
CA TYR B 110 1.68 -8.60 24.49
C TYR B 110 2.57 -9.81 24.26
N ARG B 111 1.99 -10.89 23.72
CA ARG B 111 2.68 -12.16 23.56
C ARG B 111 2.45 -12.71 22.16
N CYS B 112 3.44 -13.44 21.65
CA CYS B 112 3.37 -13.91 20.27
C CYS B 112 3.63 -15.41 20.18
N GLY B 113 3.06 -16.01 19.15
CA GLY B 113 3.24 -17.42 18.89
C GLY B 113 2.74 -17.78 17.50
N ASN B 114 2.19 -18.99 17.36
CA ASN B 114 1.68 -19.47 16.08
C ASN B 114 0.31 -20.08 16.28
N ILE B 115 -0.50 -20.01 15.22
CA ILE B 115 -1.72 -20.80 15.16
C ILE B 115 -1.34 -22.27 15.09
N THR B 116 -1.95 -23.07 15.94
CA THR B 116 -1.66 -24.50 15.96
C THR B 116 -2.85 -25.39 15.65
N ALA B 117 -4.08 -24.92 15.76
CA ALA B 117 -5.20 -25.82 15.44
C ALA B 117 -6.47 -25.01 15.27
N LYS B 118 -7.42 -25.60 14.56
CA LYS B 118 -8.72 -24.97 14.37
C LYS B 118 -9.82 -25.94 14.77
N ASN B 119 -10.98 -25.35 15.13
CA ASN B 119 -12.19 -26.13 15.42
C ASN B 119 -12.01 -27.07 16.62
N VAL B 120 -11.31 -26.59 17.64
CA VAL B 120 -11.16 -27.31 18.91
C VAL B 120 -12.40 -27.08 19.76
N THR B 121 -12.91 -28.15 20.37
CA THR B 121 -13.96 -28.04 21.37
C THR B 121 -13.34 -28.15 22.76
N ALA B 122 -13.48 -27.09 23.54
CA ALA B 122 -12.95 -27.06 24.90
C ALA B 122 -14.04 -27.49 25.88
N ASN B 123 -13.68 -28.37 26.83
CA ASN B 123 -14.60 -28.78 27.90
C ASN B 123 -14.35 -27.92 29.13
N TYR B 124 -14.89 -26.71 29.10
CA TYR B 124 -14.72 -25.81 30.24
C TYR B 124 -15.57 -26.28 31.41
N ALA B 125 -15.32 -25.69 32.58
CA ALA B 125 -16.07 -26.06 33.78
C ALA B 125 -17.58 -25.80 33.61
N GLU B 126 -17.96 -24.75 32.89
CA GLU B 126 -19.37 -24.41 32.77
C GLU B 126 -20.01 -24.97 31.50
N GLY B 127 -19.26 -25.76 30.71
CA GLY B 127 -19.82 -26.42 29.55
C GLY B 127 -18.86 -26.47 28.39
N ALA B 128 -19.24 -27.21 27.35
CA ALA B 128 -18.43 -27.28 26.14
C ALA B 128 -18.56 -26.00 25.32
N VAL B 129 -17.44 -25.56 24.74
CA VAL B 129 -17.41 -24.46 23.79
C VAL B 129 -16.77 -24.96 22.51
N ARG B 130 -17.47 -24.78 21.39
CA ARG B 130 -17.10 -25.42 20.14
C ARG B 130 -16.38 -24.47 19.20
N GLY B 131 -15.60 -25.07 18.29
CA GLY B 131 -15.04 -24.33 17.18
C GLY B 131 -13.94 -23.34 17.53
N LEU B 132 -13.21 -23.57 18.61
CA LEU B 132 -12.17 -22.63 19.02
C LEU B 132 -10.89 -22.86 18.21
N THR B 133 -10.14 -21.78 17.99
CA THR B 133 -8.83 -21.86 17.35
C THR B 133 -7.76 -21.90 18.44
N GLN B 134 -6.73 -22.72 18.22
CA GLN B 134 -5.64 -22.86 19.16
C GLN B 134 -4.38 -22.19 18.65
N GLY B 135 -3.65 -21.53 19.55
CA GLY B 135 -2.31 -21.07 19.28
C GLY B 135 -1.40 -21.40 20.45
N ASN B 136 -0.11 -21.04 20.31
CA ASN B 136 0.82 -21.28 21.41
C ASN B 136 1.49 -20.02 21.94
N ALA B 137 1.01 -18.84 21.59
CA ALA B 137 1.29 -17.69 22.42
C ALA B 137 0.77 -17.94 23.84
N CYS B 138 1.46 -17.38 24.83
CA CYS B 138 1.03 -17.61 26.20
C CYS B 138 0.07 -16.53 26.67
N MET B 139 -0.58 -16.80 27.81
N MET B 139 -0.57 -16.79 27.81
CA MET B 139 -1.65 -15.96 28.33
CA MET B 139 -1.65 -15.96 28.33
C MET B 139 -1.89 -16.33 29.79
C MET B 139 -1.89 -16.33 29.79
N GLY B 140 -2.67 -15.49 30.46
CA GLY B 140 -3.03 -15.75 31.84
C GLY B 140 -4.38 -15.17 32.21
N ARG B 141 -4.95 -15.69 33.32
CA ARG B 141 -6.24 -15.20 33.80
C ARG B 141 -6.26 -13.68 33.85
N GLY B 142 -7.25 -13.09 33.19
CA GLY B 142 -7.36 -11.67 33.01
C GLY B 142 -7.12 -11.22 31.58
N ASP B 143 -6.34 -11.99 30.82
CA ASP B 143 -6.21 -11.76 29.40
C ASP B 143 -7.52 -12.05 28.65
N SER B 144 -8.46 -12.74 29.32
CA SER B 144 -9.74 -13.18 28.74
C SER B 144 -10.43 -12.09 27.93
N GLY B 145 -10.89 -12.47 26.73
CA GLY B 145 -11.58 -11.57 25.84
C GLY B 145 -10.69 -10.68 25.00
N GLY B 146 -9.38 -10.67 25.26
CA GLY B 146 -8.49 -9.77 24.57
C GLY B 146 -8.13 -10.24 23.17
N SER B 147 -7.40 -9.36 22.48
CA SER B 147 -7.20 -9.48 21.04
C SER B 147 -6.23 -10.60 20.69
N TRP B 148 -6.59 -11.43 19.70
CA TRP B 148 -5.64 -12.17 18.89
C TRP B 148 -5.66 -11.60 17.47
N PHE B 149 -4.47 -11.43 16.88
CA PHE B 149 -4.30 -10.70 15.64
C PHE B 149 -2.97 -11.10 15.03
N THR B 150 -2.85 -11.00 13.71
CA THR B 150 -1.53 -11.07 13.11
C THR B 150 -0.89 -9.70 13.17
N SER B 151 0.45 -9.69 13.23
CA SER B 151 1.14 -8.42 13.31
C SER B 151 0.88 -7.54 12.09
N ALA B 152 0.55 -8.16 10.96
CA ALA B 152 0.13 -7.43 9.78
C ALA B 152 -1.26 -6.80 9.93
N GLY B 153 -1.91 -6.96 11.09
CA GLY B 153 -3.14 -6.26 11.37
C GLY B 153 -4.42 -6.97 11.01
N GLN B 154 -4.42 -8.29 10.91
CA GLN B 154 -5.64 -9.07 10.68
C GLN B 154 -6.14 -9.60 12.01
N ALA B 155 -7.27 -9.07 12.48
CA ALA B 155 -7.93 -9.56 13.68
C ALA B 155 -8.30 -11.03 13.53
N GLN B 156 -7.92 -11.84 14.52
CA GLN B 156 -8.25 -13.27 14.53
C GLN B 156 -9.40 -13.63 15.45
N GLY B 157 -9.36 -13.18 16.71
CA GLY B 157 -10.41 -13.52 17.64
C GLY B 157 -10.13 -12.97 19.02
N VAL B 158 -10.90 -13.49 19.99
CA VAL B 158 -10.86 -13.03 21.38
C VAL B 158 -10.46 -14.19 22.29
N MET B 159 -9.57 -13.90 23.25
CA MET B 159 -9.07 -14.88 24.21
C MET B 159 -10.22 -15.57 24.95
N SER B 160 -10.19 -16.90 24.98
CA SER B 160 -11.26 -17.71 25.56
C SER B 160 -10.82 -18.58 26.71
N GLY B 161 -9.71 -19.29 26.58
CA GLY B 161 -9.27 -20.20 27.62
C GLY B 161 -7.98 -20.90 27.24
N GLY B 162 -7.61 -21.87 28.06
CA GLY B 162 -6.41 -22.67 27.81
C GLY B 162 -5.79 -23.15 29.09
N ASN B 163 -4.62 -23.80 28.95
CA ASN B 163 -4.01 -24.58 30.03
C ASN B 163 -3.12 -23.72 30.91
N VAL B 164 -3.75 -22.82 31.66
CA VAL B 164 -2.99 -22.02 32.61
C VAL B 164 -2.45 -22.93 33.70
N GLN B 165 -1.30 -22.56 34.27
CA GLN B 165 -0.65 -23.32 35.32
C GLN B 165 -1.02 -22.73 36.68
N SER B 166 -0.39 -23.23 37.75
CA SER B 166 -0.74 -22.82 39.11
CA SER B 166 -0.76 -22.81 39.09
C SER B 166 -0.51 -21.33 39.33
N ASN B 167 0.44 -20.73 38.62
CA ASN B 167 0.66 -19.30 38.70
C ASN B 167 -0.37 -18.49 37.89
N GLY B 168 -1.39 -19.13 37.34
CA GLY B 168 -2.41 -18.42 36.58
C GLY B 168 -2.12 -18.21 35.10
N ASN B 169 -0.97 -18.67 34.58
CA ASN B 169 -0.63 -18.45 33.18
C ASN B 169 0.09 -19.69 32.64
N ASN B 170 0.26 -19.73 31.31
CA ASN B 170 1.08 -20.75 30.68
C ASN B 170 2.32 -20.16 30.00
N CYS B 171 2.78 -19.01 30.49
CA CYS B 171 4.02 -18.41 30.01
C CYS B 171 5.26 -19.08 30.59
N GLY B 172 5.16 -19.73 31.76
CA GLY B 172 6.25 -20.45 32.39
C GLY B 172 6.61 -21.79 31.79
N ILE B 173 5.87 -22.27 30.79
CA ILE B 173 6.24 -23.45 30.03
C ILE B 173 6.51 -22.96 28.62
N PRO B 174 7.22 -23.71 27.78
CA PRO B 174 7.45 -23.25 26.41
C PRO B 174 6.25 -23.49 25.51
N ALA B 175 6.26 -22.79 24.38
CA ALA B 175 5.17 -22.86 23.41
C ALA B 175 4.76 -24.29 23.07
N SER B 176 5.72 -25.21 23.07
CA SER B 176 5.44 -26.62 22.76
C SER B 176 4.32 -27.19 23.62
N GLN B 177 4.26 -26.76 24.88
CA GLN B 177 3.32 -27.32 25.85
C GLN B 177 2.11 -26.43 26.07
N ARG B 178 1.93 -25.37 25.27
CA ARG B 178 0.81 -24.44 25.47
C ARG B 178 -0.37 -24.74 24.56
N SER B 179 -1.56 -24.68 25.16
CA SER B 179 -2.84 -24.69 24.44
C SER B 179 -3.56 -23.41 24.82
N SER B 180 -3.63 -22.46 23.88
CA SER B 180 -4.26 -21.17 24.10
C SER B 180 -5.38 -21.03 23.08
N LEU B 181 -6.62 -20.93 23.56
CA LEU B 181 -7.80 -21.02 22.71
C LEU B 181 -8.46 -19.65 22.56
N PHE B 182 -8.89 -19.35 21.33
CA PHE B 182 -9.65 -18.11 21.14
C PHE B 182 -10.85 -18.36 20.24
N GLU B 183 -11.86 -17.51 20.42
CA GLU B 183 -13.09 -17.53 19.66
C GLU B 183 -12.88 -16.65 18.42
N ARG B 184 -13.20 -17.20 17.25
CA ARG B 184 -12.94 -16.48 16.01
CA ARG B 184 -12.94 -16.48 16.00
C ARG B 184 -13.82 -15.23 15.92
N VAL B 185 -13.22 -14.12 15.45
CA VAL B 185 -13.93 -12.85 15.46
C VAL B 185 -15.01 -12.81 14.38
N GLY B 186 -14.74 -13.42 13.21
CA GLY B 186 -15.65 -13.42 12.09
C GLY B 186 -17.12 -13.68 12.42
N PRO B 187 -17.40 -14.83 13.02
CA PRO B 187 -18.81 -15.14 13.37
C PRO B 187 -19.41 -14.19 14.38
N ILE B 188 -18.59 -13.54 15.22
CA ILE B 188 -19.11 -12.58 16.19
C ILE B 188 -19.64 -11.34 15.47
N LEU B 189 -18.86 -10.83 14.52
CA LEU B 189 -19.29 -9.67 13.74
C LEU B 189 -20.56 -9.99 12.98
N SER B 190 -20.65 -11.22 12.45
N SER B 190 -20.65 -11.22 12.45
CA SER B 190 -21.78 -11.60 11.61
CA SER B 190 -21.78 -11.58 11.60
C SER B 190 -23.05 -11.77 12.43
C SER B 190 -23.05 -11.77 12.43
N GLN B 191 -22.94 -12.46 13.56
CA GLN B 191 -24.13 -12.70 14.37
C GLN B 191 -24.74 -11.40 14.88
N TYR B 192 -23.92 -10.40 15.18
CA TYR B 192 -24.41 -9.18 15.81
C TYR B 192 -24.41 -7.98 14.85
N GLY B 193 -24.23 -8.21 13.56
CA GLY B 193 -24.21 -7.11 12.62
C GLY B 193 -23.20 -6.03 12.96
N LEU B 194 -22.01 -6.42 13.38
CA LEU B 194 -21.01 -5.45 13.80
C LEU B 194 -19.95 -5.25 12.73
N SER B 195 -19.32 -4.08 12.74
CA SER B 195 -18.24 -3.75 11.81
C SER B 195 -16.97 -3.42 12.57
N LEU B 196 -15.89 -4.08 12.20
CA LEU B 196 -14.57 -3.79 12.74
C LEU B 196 -14.19 -2.33 12.45
N VAL B 197 -13.74 -1.61 13.47
CA VAL B 197 -13.08 -0.34 13.24
C VAL B 197 -11.69 -0.65 12.70
N THR B 198 -11.38 -0.14 11.51
CA THR B 198 -10.08 -0.34 10.90
C THR B 198 -9.31 0.97 10.81
N SER B 199 -7.99 0.87 10.75
CA SER B 199 -7.15 2.06 10.70
C SER B 199 -5.91 1.80 9.86
N VAL C 1 13.03 -3.99 -41.71
CA VAL C 1 12.08 -3.90 -40.59
C VAL C 1 11.67 -2.46 -40.33
N ASN C 2 10.53 -2.32 -39.67
CA ASN C 2 10.01 -1.04 -39.21
C ASN C 2 10.50 -0.81 -37.79
N VAL C 3 11.29 0.24 -37.57
CA VAL C 3 11.71 0.60 -36.22
C VAL C 3 10.60 1.41 -35.58
N LEU C 4 10.13 0.95 -34.42
CA LEU C 4 8.95 1.49 -33.77
C LEU C 4 9.14 1.39 -32.26
N GLY C 5 8.72 2.43 -31.55
CA GLY C 5 8.93 2.45 -30.11
C GLY C 5 8.30 1.25 -29.42
N GLY C 6 9.04 0.66 -28.47
CA GLY C 6 8.52 -0.37 -27.60
C GLY C 6 8.67 -1.80 -28.07
N ILE C 7 9.03 -2.02 -29.33
CA ILE C 7 9.11 -3.38 -29.86
C ILE C 7 10.39 -4.07 -29.39
N GLU C 8 10.34 -5.40 -29.36
CA GLU C 8 11.46 -6.21 -28.89
C GLU C 8 12.65 -6.11 -29.85
N TYR C 9 13.86 -6.14 -29.29
CA TYR C 9 15.06 -6.33 -30.09
C TYR C 9 16.07 -7.15 -29.29
N SER C 10 16.94 -7.86 -29.99
CA SER C 10 17.93 -8.70 -29.32
C SER C 10 19.31 -8.07 -29.46
N ILE C 11 20.21 -8.47 -28.57
CA ILE C 11 21.55 -7.89 -28.49
C ILE C 11 22.53 -9.05 -28.51
N ASN C 12 23.38 -9.10 -29.55
CA ASN C 12 24.37 -10.16 -29.69
C ASN C 12 23.74 -11.54 -29.56
N ASN C 13 22.50 -11.68 -30.03
CA ASN C 13 21.77 -12.95 -30.02
C ASN C 13 21.72 -13.58 -28.64
N ALA C 14 21.68 -12.75 -27.59
CA ALA C 14 21.82 -13.23 -26.22
C ALA C 14 20.83 -12.63 -25.22
N THR C 15 20.41 -11.39 -25.37
CA THR C 15 19.54 -10.74 -24.39
C THR C 15 18.54 -9.88 -25.15
N LEU C 16 17.45 -9.52 -24.48
CA LEU C 16 16.37 -8.75 -25.07
C LEU C 16 16.22 -7.40 -24.38
N CYS C 17 15.94 -6.36 -25.17
CA CYS C 17 15.49 -5.07 -24.66
C CYS C 17 14.35 -4.60 -25.55
N SER C 18 13.96 -3.33 -25.41
CA SER C 18 12.85 -2.77 -26.17
C SER C 18 13.25 -1.42 -26.74
N VAL C 19 12.72 -1.10 -27.91
CA VAL C 19 13.09 0.13 -28.60
C VAL C 19 12.57 1.34 -27.84
N GLY C 20 13.44 2.33 -27.62
CA GLY C 20 13.02 3.62 -27.12
C GLY C 20 12.30 4.47 -28.16
N PHE C 21 13.05 5.22 -28.96
CA PHE C 21 12.41 6.08 -29.97
C PHE C 21 13.28 6.15 -31.21
N SER C 22 12.64 6.11 -32.38
CA SER C 22 13.32 6.40 -33.63
C SER C 22 13.93 7.79 -33.62
N VAL C 23 15.15 7.90 -34.12
CA VAL C 23 15.88 9.16 -34.21
C VAL C 23 16.66 9.18 -35.51
N THR C 24 17.08 10.37 -35.92
CA THR C 24 18.06 10.53 -36.98
C THR C 24 19.22 11.38 -36.47
N ARG C 25 20.40 11.12 -37.05
CA ARG C 25 21.64 11.80 -36.72
C ARG C 25 22.19 12.21 -38.08
N GLY C 26 21.80 13.39 -38.54
CA GLY C 26 21.98 13.72 -39.94
C GLY C 26 21.16 12.76 -40.79
N ALA C 27 21.80 12.15 -41.78
CA ALA C 27 21.15 11.16 -42.61
C ALA C 27 21.22 9.75 -42.02
N THR C 28 21.86 9.59 -40.86
CA THR C 28 21.92 8.28 -40.22
C THR C 28 20.60 7.97 -39.51
N LYS C 29 20.15 6.73 -39.64
CA LYS C 29 18.96 6.26 -38.95
C LYS C 29 19.37 5.56 -37.66
N GLY C 30 18.49 5.62 -36.66
CA GLY C 30 18.76 4.92 -35.43
C GLY C 30 17.60 5.03 -34.45
N PHE C 31 17.83 4.50 -33.26
CA PHE C 31 16.90 4.70 -32.16
C PHE C 31 17.67 4.82 -30.84
N VAL C 32 17.04 5.51 -29.86
CA VAL C 32 17.60 5.63 -28.53
C VAL C 32 17.05 4.49 -27.70
N THR C 33 17.83 4.09 -26.72
CA THR C 33 17.46 2.98 -25.84
C THR C 33 18.28 3.13 -24.56
N ALA C 34 18.24 2.13 -23.70
CA ALA C 34 18.99 2.19 -22.46
C ALA C 34 20.42 1.75 -22.69
N GLY C 35 21.34 2.41 -21.98
CA GLY C 35 22.75 2.03 -22.08
C GLY C 35 23.04 0.64 -21.57
N HIS C 36 22.30 0.17 -20.55
CA HIS C 36 22.62 -1.15 -20.02
C HIS C 36 22.23 -2.26 -20.97
N CYS C 37 21.56 -1.96 -22.08
CA CYS C 37 21.16 -3.01 -22.99
C CYS C 37 22.31 -3.55 -23.82
N GLY C 38 23.36 -2.76 -24.02
CA GLY C 38 24.49 -3.25 -24.79
C GLY C 38 25.68 -2.29 -24.82
N GLY C 39 26.87 -2.82 -25.05
CA GLY C 39 28.06 -2.00 -25.20
C GLY C 39 28.29 -1.58 -26.65
N VAL C 40 29.32 -0.75 -26.83
CA VAL C 40 29.57 -0.21 -28.17
C VAL C 40 29.82 -1.37 -29.13
N GLY C 41 29.23 -1.27 -30.33
CA GLY C 41 29.38 -2.34 -31.29
C GLY C 41 28.44 -3.51 -31.14
N ALA C 42 27.73 -3.63 -30.01
CA ALA C 42 26.80 -4.75 -29.84
C ALA C 42 25.81 -4.81 -31.00
N ILE C 43 25.56 -6.03 -31.46
CA ILE C 43 24.80 -6.27 -32.68
C ILE C 43 23.32 -6.41 -32.33
N VAL C 44 22.48 -5.58 -32.95
CA VAL C 44 21.05 -5.52 -32.65
C VAL C 44 20.26 -6.24 -33.74
N ARG C 45 19.39 -7.16 -33.32
CA ARG C 45 18.52 -7.89 -34.23
C ARG C 45 17.07 -7.61 -33.90
N ILE C 46 16.27 -7.41 -34.95
CA ILE C 46 14.82 -7.30 -34.84
C ILE C 46 14.24 -8.26 -35.87
N GLY C 47 13.52 -9.28 -35.40
CA GLY C 47 12.89 -10.25 -36.28
C GLY C 47 13.87 -11.04 -37.11
N GLY C 48 14.77 -11.78 -36.46
CA GLY C 48 15.76 -12.60 -37.13
C GLY C 48 16.61 -11.90 -38.17
N THR C 49 16.82 -10.61 -38.01
CA THR C 49 17.55 -9.81 -39.00
C THR C 49 18.45 -8.80 -38.31
N GLN C 50 19.70 -8.71 -38.78
CA GLN C 50 20.60 -7.66 -38.36
C GLN C 50 20.06 -6.32 -38.84
N VAL C 51 19.74 -5.43 -37.90
CA VAL C 51 19.26 -4.11 -38.27
C VAL C 51 20.22 -3.01 -37.84
N GLY C 52 21.07 -3.25 -36.85
CA GLY C 52 21.89 -2.13 -36.40
C GLY C 52 22.91 -2.53 -35.37
N SER C 53 23.66 -1.52 -34.93
CA SER C 53 24.73 -1.71 -33.98
C SER C 53 24.68 -0.60 -32.96
N PHE C 54 24.96 -0.96 -31.71
CA PHE C 54 25.11 0.03 -30.65
C PHE C 54 26.17 1.04 -31.03
N ALA C 55 25.75 2.27 -31.31
CA ALA C 55 26.65 3.32 -31.76
C ALA C 55 27.40 3.94 -30.59
N ALA C 56 26.68 4.25 -29.51
CA ALA C 56 27.28 4.89 -28.35
C ALA C 56 26.46 4.52 -27.13
N ARG C 57 27.10 4.59 -25.96
CA ARG C 57 26.39 4.26 -24.74
C ARG C 57 27.08 4.87 -23.52
N VAL C 58 26.27 5.19 -22.51
CA VAL C 58 26.73 5.59 -21.20
C VAL C 58 25.97 4.76 -20.19
N PHE C 59 26.69 3.90 -19.45
CA PHE C 59 26.14 3.15 -18.34
C PHE C 59 27.31 2.51 -17.59
N PRO C 60 27.33 2.55 -16.24
CA PRO C 60 26.33 3.21 -15.40
C PRO C 60 26.62 4.70 -15.26
N GLY C 61 26.25 5.30 -14.13
CA GLY C 61 26.33 6.75 -14.04
C GLY C 61 25.12 7.36 -14.72
N ASN C 62 25.09 7.31 -16.05
CA ASN C 62 23.83 7.48 -16.76
C ASN C 62 23.34 6.11 -17.19
N ASP C 63 22.31 6.09 -18.05
CA ASP C 63 21.82 4.83 -18.62
C ASP C 63 21.19 5.17 -19.97
N ARG C 64 22.05 5.36 -20.97
CA ARG C 64 21.56 5.83 -22.26
C ARG C 64 22.39 5.23 -23.40
N ALA C 65 21.78 5.15 -24.57
CA ALA C 65 22.48 4.67 -25.75
C ALA C 65 21.69 5.05 -26.98
N TRP C 66 22.35 4.98 -28.13
CA TRP C 66 21.62 4.99 -29.39
C TRP C 66 22.23 3.93 -30.30
N VAL C 67 21.34 3.26 -31.02
CA VAL C 67 21.69 2.19 -31.96
C VAL C 67 21.67 2.78 -33.35
N SER C 68 22.75 2.56 -34.10
CA SER C 68 22.82 2.96 -35.50
C SER C 68 22.20 1.86 -36.34
N VAL C 69 21.27 2.24 -37.23
CA VAL C 69 20.43 1.32 -37.99
C VAL C 69 20.82 1.36 -39.48
N GLY C 70 20.79 0.19 -40.12
CA GLY C 70 21.07 0.09 -41.55
C GLY C 70 20.05 0.81 -42.44
N SER C 71 20.46 1.01 -43.69
CA SER C 71 19.70 1.86 -44.60
C SER C 71 18.42 1.20 -45.11
N ALA C 72 18.33 -0.12 -45.04
CA ALA C 72 17.16 -0.83 -45.55
C ALA C 72 15.93 -0.67 -44.68
N HIS C 73 16.06 -0.12 -43.48
CA HIS C 73 15.02 -0.20 -42.47
C HIS C 73 14.29 1.12 -42.35
N THR C 74 13.00 1.04 -42.06
CA THR C 74 12.17 2.24 -41.97
C THR C 74 12.08 2.69 -40.52
N LEU C 75 12.08 4.01 -40.32
CA LEU C 75 11.91 4.60 -39.01
C LEU C 75 10.50 5.13 -38.87
N GLN C 76 9.80 4.72 -37.82
CA GLN C 76 8.45 5.17 -37.54
C GLN C 76 8.45 6.05 -36.31
N GLY C 77 8.04 7.30 -36.48
CA GLY C 77 7.97 8.23 -35.36
C GLY C 77 6.81 7.96 -34.43
N ALA C 78 6.83 6.81 -33.77
CA ALA C 78 5.65 6.38 -33.03
C ALA C 78 6.06 5.25 -32.10
N VAL C 79 5.10 4.79 -31.30
N VAL C 79 5.11 4.81 -31.28
CA VAL C 79 5.31 3.76 -30.28
CA VAL C 79 5.34 3.74 -30.33
C VAL C 79 4.19 2.73 -30.42
C VAL C 79 4.21 2.73 -30.43
N SER C 80 4.55 1.45 -30.36
CA SER C 80 3.54 0.40 -30.41
C SER C 80 2.65 0.45 -29.18
N ASN C 81 1.33 0.28 -29.38
CA ASN C 81 0.39 0.17 -28.27
C ASN C 81 0.11 -1.28 -27.89
N TYR C 82 0.78 -2.23 -28.53
CA TYR C 82 0.67 -3.67 -28.26
C TYR C 82 -0.73 -4.21 -28.45
N SER C 83 -1.58 -3.50 -29.19
CA SER C 83 -2.86 -4.07 -29.60
C SER C 83 -3.14 -3.74 -31.05
N GLY C 84 -2.09 -3.83 -31.88
CA GLY C 84 -2.20 -3.59 -33.30
C GLY C 84 -2.12 -2.16 -33.75
N GLY C 85 -2.01 -1.19 -32.84
CA GLY C 85 -1.94 0.20 -33.19
C GLY C 85 -0.67 0.87 -32.69
N THR C 86 -0.58 2.18 -32.96
CA THR C 86 0.57 2.97 -32.61
C THR C 86 0.11 4.31 -32.06
N ILE C 87 1.00 4.96 -31.30
CA ILE C 87 0.80 6.32 -30.82
C ILE C 87 1.86 7.21 -31.43
N ALA C 88 1.44 8.29 -32.10
CA ALA C 88 2.39 9.16 -32.75
C ALA C 88 3.22 9.93 -31.73
N ILE C 89 4.49 10.12 -32.04
CA ILE C 89 5.37 10.95 -31.23
C ILE C 89 5.44 12.32 -31.89
N ARG C 90 5.23 13.37 -31.09
CA ARG C 90 5.21 14.71 -31.63
C ARG C 90 6.27 15.62 -31.05
N GLY C 91 6.98 15.17 -30.02
CA GLY C 91 7.97 16.01 -29.37
C GLY C 91 8.54 15.32 -28.15
N SER C 92 9.31 16.09 -27.39
CA SER C 92 9.92 15.61 -26.15
C SER C 92 9.73 16.62 -25.01
N ALA C 93 8.55 17.23 -24.92
CA ALA C 93 8.26 18.13 -23.80
C ALA C 93 8.18 17.32 -22.51
N GLU C 94 9.00 17.68 -21.53
CA GLU C 94 9.07 16.89 -20.30
C GLU C 94 7.83 17.11 -19.43
N ALA C 95 7.21 16.02 -19.00
CA ALA C 95 6.02 16.08 -18.17
C ALA C 95 6.38 16.26 -16.70
N ALA C 96 5.44 16.82 -15.94
CA ALA C 96 5.66 17.14 -14.54
C ALA C 96 5.23 15.99 -13.64
N ILE C 97 5.68 16.07 -12.38
CA ILE C 97 5.27 15.11 -11.37
C ILE C 97 3.75 15.13 -11.24
N GLY C 98 3.16 13.95 -11.14
CA GLY C 98 1.73 13.80 -11.19
C GLY C 98 1.16 13.58 -12.58
N ALA C 99 1.89 13.90 -13.64
CA ALA C 99 1.31 13.79 -14.97
C ALA C 99 1.16 12.33 -15.40
N ALA C 100 0.13 12.08 -16.20
CA ALA C 100 -0.09 10.74 -16.74
C ALA C 100 0.94 10.40 -17.81
N VAL C 101 1.43 9.16 -17.78
CA VAL C 101 2.42 8.69 -18.74
C VAL C 101 2.16 7.21 -18.96
N CYS C 102 2.52 6.71 -20.15
CA CYS C 102 2.49 5.30 -20.45
C CYS C 102 3.87 4.86 -20.92
N ARG C 103 4.12 3.55 -20.84
CA ARG C 103 5.33 2.99 -21.44
C ARG C 103 4.99 1.76 -22.28
N SER C 104 5.94 1.38 -23.14
CA SER C 104 5.76 0.28 -24.08
C SER C 104 7.02 -0.57 -24.15
N GLY C 105 6.84 -1.88 -24.13
CA GLY C 105 7.97 -2.78 -24.01
C GLY C 105 7.56 -4.22 -24.23
N ARG C 106 8.57 -5.03 -24.53
CA ARG C 106 8.37 -6.40 -24.99
C ARG C 106 7.80 -7.32 -23.92
N THR C 107 7.99 -7.01 -22.64
CA THR C 107 7.64 -7.97 -21.60
C THR C 107 6.24 -7.74 -21.03
N THR C 108 5.90 -6.49 -20.67
CA THR C 108 4.58 -6.18 -20.13
C THR C 108 3.70 -5.41 -21.11
N GLY C 109 4.18 -5.20 -22.33
CA GLY C 109 3.37 -4.50 -23.31
C GLY C 109 3.24 -3.03 -22.97
N TYR C 110 2.02 -2.52 -23.14
CA TYR C 110 1.72 -1.11 -22.98
C TYR C 110 1.09 -0.90 -21.60
N ARG C 111 1.67 -0.01 -20.80
CA ARG C 111 1.25 0.14 -19.41
C ARG C 111 1.28 1.62 -19.03
N CYS C 112 0.35 2.02 -18.17
CA CYS C 112 0.21 3.44 -17.84
C CYS C 112 0.15 3.66 -16.33
N GLY C 113 0.52 4.87 -15.93
CA GLY C 113 0.54 5.31 -14.55
C GLY C 113 0.82 6.80 -14.55
N ASN C 114 1.56 7.29 -13.54
CA ASN C 114 1.90 8.70 -13.47
C ASN C 114 3.36 8.88 -13.09
N ILE C 115 3.86 10.06 -13.38
CA ILE C 115 5.19 10.45 -12.93
CA ILE C 115 5.19 10.43 -12.93
C ILE C 115 5.13 10.74 -11.43
N THR C 116 6.08 10.16 -10.68
CA THR C 116 6.09 10.32 -9.23
C THR C 116 7.34 10.99 -8.66
N ALA C 117 8.44 11.06 -9.40
CA ALA C 117 9.61 11.76 -8.87
C ALA C 117 10.59 12.06 -9.99
N LYS C 118 11.48 13.02 -9.72
CA LYS C 118 12.57 13.38 -10.61
C LYS C 118 13.92 13.23 -9.91
N ASN C 119 14.95 13.06 -10.73
CA ASN C 119 16.34 13.12 -10.28
C ASN C 119 16.62 12.09 -9.19
N VAL C 120 16.10 10.89 -9.38
CA VAL C 120 16.33 9.76 -8.48
C VAL C 120 17.62 9.05 -8.86
N THR C 121 18.39 8.64 -7.86
CA THR C 121 19.56 7.80 -8.09
C THR C 121 19.22 6.38 -7.66
N ALA C 122 19.35 5.45 -8.60
CA ALA C 122 19.09 4.03 -8.39
C ALA C 122 20.40 3.30 -8.14
N ASN C 123 20.39 2.36 -7.20
CA ASN C 123 21.58 1.59 -6.88
C ASN C 123 21.49 0.21 -7.53
N TYR C 124 21.82 0.16 -8.81
CA TYR C 124 21.80 -1.08 -9.54
C TYR C 124 22.98 -1.95 -9.14
N ALA C 125 22.84 -3.26 -9.43
CA ALA C 125 23.91 -4.20 -9.11
C ALA C 125 25.18 -3.95 -9.91
N GLU C 126 25.06 -3.33 -11.08
CA GLU C 126 26.22 -3.02 -11.91
C GLU C 126 26.74 -1.62 -11.64
N GLY C 127 26.26 -0.97 -10.59
CA GLY C 127 26.62 0.40 -10.29
C GLY C 127 25.41 1.30 -10.19
N ALA C 128 25.67 2.52 -9.72
CA ALA C 128 24.58 3.45 -9.51
C ALA C 128 24.36 4.29 -10.77
N VAL C 129 23.10 4.68 -10.98
CA VAL C 129 22.70 5.55 -12.07
C VAL C 129 21.91 6.71 -11.47
N ARG C 130 22.27 7.92 -11.85
CA ARG C 130 21.70 9.14 -11.29
C ARG C 130 20.74 9.78 -12.29
N GLY C 131 19.94 10.72 -11.77
CA GLY C 131 19.11 11.55 -12.62
C GLY C 131 17.87 10.88 -13.19
N LEU C 132 17.44 9.75 -12.63
CA LEU C 132 16.33 9.00 -13.21
C LEU C 132 14.98 9.61 -12.82
N THR C 133 14.02 9.51 -13.73
CA THR C 133 12.66 9.91 -13.41
C THR C 133 11.90 8.68 -12.97
N GLN C 134 11.09 8.85 -11.92
CA GLN C 134 10.29 7.77 -11.36
C GLN C 134 8.85 7.91 -11.81
N GLY C 135 8.23 6.77 -12.13
CA GLY C 135 6.80 6.68 -12.35
C GLY C 135 6.27 5.39 -11.73
N ASN C 136 4.95 5.22 -11.77
CA ASN C 136 4.36 4.02 -11.19
C ASN C 136 3.58 3.18 -12.19
N ALA C 137 3.70 3.45 -13.49
CA ALA C 137 3.39 2.40 -14.46
C ALA C 137 4.27 1.19 -14.15
N CYS C 138 3.73 0.00 -14.34
CA CYS C 138 4.51 -1.19 -14.03
C CYS C 138 5.40 -1.57 -15.23
N MET C 139 6.23 -2.59 -15.01
N MET C 139 6.31 -2.52 -14.98
CA MET C 139 7.37 -2.90 -15.87
CA MET C 139 7.27 -2.97 -15.98
C MET C 139 7.93 -4.26 -15.45
C MET C 139 7.91 -4.24 -15.47
N GLY C 140 8.61 -4.92 -16.39
CA GLY C 140 9.27 -6.18 -16.07
C GLY C 140 10.53 -6.35 -16.91
N ARG C 141 11.38 -7.28 -16.47
CA ARG C 141 12.64 -7.54 -17.15
C ARG C 141 12.39 -7.79 -18.63
N GLY C 142 13.08 -7.03 -19.49
CA GLY C 142 12.87 -7.08 -20.92
C GLY C 142 12.25 -5.82 -21.49
N ASP C 143 11.49 -5.07 -20.67
CA ASP C 143 11.03 -3.73 -21.05
C ASP C 143 12.18 -2.72 -21.12
N SER C 144 13.35 -3.08 -20.62
CA SER C 144 14.53 -2.21 -20.64
C SER C 144 14.71 -1.53 -21.99
N GLY C 145 14.97 -0.23 -21.96
CA GLY C 145 15.16 0.56 -23.16
C GLY C 145 13.90 1.12 -23.78
N GLY C 146 12.71 0.66 -23.35
CA GLY C 146 11.49 0.97 -24.06
C GLY C 146 10.92 2.35 -23.78
N SER C 147 10.01 2.76 -24.68
CA SER C 147 9.48 4.11 -24.70
C SER C 147 8.69 4.42 -23.42
N TRP C 148 8.97 5.59 -22.83
CA TRP C 148 8.05 6.24 -21.89
C TRP C 148 7.55 7.52 -22.56
N PHE C 149 6.25 7.76 -22.52
CA PHE C 149 5.66 8.84 -23.34
C PHE C 149 4.33 9.27 -22.73
N THR C 150 3.91 10.49 -23.04
CA THR C 150 2.55 10.90 -22.69
C THR C 150 1.57 10.53 -23.79
N SER C 151 0.28 10.50 -23.42
CA SER C 151 -0.75 10.15 -24.40
C SER C 151 -0.83 11.20 -25.50
N ALA C 152 -0.57 12.45 -25.18
CA ALA C 152 -0.48 13.50 -26.20
C ALA C 152 0.77 13.38 -27.08
N GLY C 153 1.57 12.32 -26.97
CA GLY C 153 2.65 12.08 -27.90
C GLY C 153 3.99 12.72 -27.59
N GLN C 154 4.24 13.10 -26.32
CA GLN C 154 5.50 13.72 -25.93
C GLN C 154 6.43 12.66 -25.35
N ALA C 155 7.53 12.39 -26.03
CA ALA C 155 8.49 11.40 -25.56
C ALA C 155 9.11 11.85 -24.25
N GLN C 156 9.26 10.90 -23.31
CA GLN C 156 9.78 11.20 -21.98
C GLN C 156 11.16 10.59 -21.75
N GLY C 157 11.34 9.31 -22.06
CA GLY C 157 12.61 8.67 -21.77
C GLY C 157 12.54 7.19 -22.04
N VAL C 158 13.53 6.46 -21.51
CA VAL C 158 13.74 5.06 -21.86
C VAL C 158 13.84 4.25 -20.58
N MET C 159 13.16 3.10 -20.57
CA MET C 159 13.10 2.23 -19.38
C MET C 159 14.49 1.84 -18.89
N SER C 160 14.78 2.13 -17.62
CA SER C 160 16.08 1.84 -17.02
C SER C 160 16.02 0.76 -15.94
N GLY C 161 15.13 0.88 -14.96
CA GLY C 161 14.99 -0.16 -13.95
C GLY C 161 13.82 0.12 -13.02
N GLY C 162 13.78 -0.63 -11.92
CA GLY C 162 12.72 -0.49 -10.93
C GLY C 162 12.63 -1.70 -10.02
N ASN C 163 11.64 -1.66 -9.13
CA ASN C 163 11.51 -2.67 -8.06
C ASN C 163 10.69 -3.87 -8.55
N VAL C 164 11.30 -4.64 -9.45
CA VAL C 164 10.68 -5.87 -9.91
C VAL C 164 10.59 -6.84 -8.74
N GLN C 165 9.52 -7.63 -8.71
CA GLN C 165 9.37 -8.67 -7.71
C GLN C 165 9.96 -9.98 -8.23
N SER C 166 9.82 -11.04 -7.43
CA SER C 166 10.33 -12.36 -7.81
C SER C 166 9.87 -12.78 -9.20
N ASN C 167 8.66 -12.40 -9.58
CA ASN C 167 8.16 -12.73 -10.92
C ASN C 167 8.83 -11.90 -12.02
N GLY C 168 9.74 -11.01 -11.67
CA GLY C 168 10.44 -10.23 -12.67
C GLY C 168 9.74 -8.96 -13.10
N ASN C 169 8.63 -8.60 -12.46
CA ASN C 169 7.92 -7.37 -12.78
C ASN C 169 7.41 -6.76 -11.49
N ASN C 170 6.88 -5.53 -11.57
CA ASN C 170 6.15 -4.97 -10.44
C ASN C 170 4.68 -4.73 -10.80
N CYS C 171 4.13 -5.52 -11.73
CA CYS C 171 2.72 -5.42 -12.10
C CYS C 171 1.81 -6.14 -11.11
N GLY C 172 2.34 -7.08 -10.33
CA GLY C 172 1.54 -7.79 -9.37
C GLY C 172 1.31 -7.05 -8.08
N ILE C 173 1.80 -5.81 -7.99
CA ILE C 173 1.57 -4.96 -6.83
C ILE C 173 0.87 -3.71 -7.35
N PRO C 174 0.13 -3.00 -6.50
CA PRO C 174 -0.57 -1.81 -7.00
C PRO C 174 0.42 -0.71 -7.34
N ALA C 175 -0.01 0.19 -8.24
CA ALA C 175 0.83 1.32 -8.65
C ALA C 175 1.41 2.07 -7.46
N SER C 176 0.68 2.12 -6.35
N SER C 176 0.69 2.13 -6.35
CA SER C 176 1.18 2.81 -5.16
CA SER C 176 1.19 2.82 -5.17
C SER C 176 2.45 2.18 -4.60
C SER C 176 2.46 2.19 -4.61
N GLN C 177 2.71 0.91 -4.90
CA GLN C 177 3.87 0.19 -4.36
C GLN C 177 5.04 0.12 -5.35
N ARG C 178 4.95 0.82 -6.48
CA ARG C 178 5.88 0.63 -7.58
C ARG C 178 6.87 1.78 -7.69
N SER C 179 8.12 1.43 -7.98
CA SER C 179 9.12 2.40 -8.38
C SER C 179 9.65 1.95 -9.73
N SER C 180 9.32 2.71 -10.78
CA SER C 180 9.75 2.38 -12.14
C SER C 180 10.51 3.57 -12.69
N LEU C 181 11.75 3.33 -13.13
CA LEU C 181 12.72 4.39 -13.38
C LEU C 181 13.10 4.45 -14.85
N PHE C 182 13.05 5.65 -15.42
CA PHE C 182 13.50 5.83 -16.79
C PHE C 182 14.51 6.97 -16.91
N GLU C 183 15.38 6.82 -17.92
CA GLU C 183 16.37 7.83 -18.26
C GLU C 183 15.73 8.87 -19.15
N ARG C 184 15.89 10.14 -18.81
CA ARG C 184 15.24 11.18 -19.61
CA ARG C 184 15.25 11.18 -19.60
C ARG C 184 15.80 11.20 -21.03
N VAL C 185 14.91 11.40 -22.00
CA VAL C 185 15.31 11.34 -23.40
C VAL C 185 16.05 12.61 -23.83
N GLY C 186 15.68 13.76 -23.29
CA GLY C 186 16.25 15.03 -23.70
C GLY C 186 17.77 15.06 -23.73
N PRO C 187 18.41 14.69 -22.61
CA PRO C 187 19.88 14.67 -22.59
C PRO C 187 20.49 13.66 -23.53
N ILE C 188 19.77 12.57 -23.86
CA ILE C 188 20.27 11.64 -24.87
C ILE C 188 20.34 12.34 -26.23
N LEU C 189 19.21 12.91 -26.65
CA LEU C 189 19.15 13.68 -27.89
C LEU C 189 20.30 14.68 -27.98
N SER C 190 20.55 15.41 -26.89
CA SER C 190 21.57 16.46 -26.90
C SER C 190 22.97 15.87 -27.02
N GLN C 191 23.28 14.88 -26.17
CA GLN C 191 24.64 14.35 -26.15
C GLN C 191 25.07 13.85 -27.52
N TYR C 192 24.20 13.11 -28.19
CA TYR C 192 24.59 12.48 -29.45
C TYR C 192 24.11 13.24 -30.67
N GLY C 193 23.53 14.42 -30.48
CA GLY C 193 23.06 15.20 -31.62
C GLY C 193 22.01 14.48 -32.43
N LEU C 194 20.97 13.99 -31.76
CA LEU C 194 19.93 13.20 -32.38
C LEU C 194 18.64 14.01 -32.49
N SER C 195 17.93 13.83 -33.60
CA SER C 195 16.62 14.44 -33.81
C SER C 195 15.53 13.38 -33.65
N LEU C 196 14.54 13.70 -32.81
CA LEU C 196 13.39 12.81 -32.66
C LEU C 196 12.66 12.68 -34.00
N VAL C 197 12.37 11.44 -34.40
CA VAL C 197 11.46 11.23 -35.53
C VAL C 197 10.04 11.42 -35.00
N THR C 198 9.33 12.40 -35.58
CA THR C 198 7.96 12.72 -35.20
C THR C 198 6.98 12.32 -36.30
N SER C 199 5.75 12.06 -35.92
CA SER C 199 4.72 11.69 -36.90
C SER C 199 3.36 12.25 -36.48
N VAL D 1 13.12 28.24 27.57
CA VAL D 1 12.00 27.83 26.73
C VAL D 1 12.01 26.34 26.53
N ASN D 2 10.90 25.82 26.03
CA ASN D 2 10.80 24.42 25.68
CA ASN D 2 10.76 24.42 25.66
C ASN D 2 11.15 24.24 24.21
N VAL D 3 12.02 23.27 23.94
CA VAL D 3 12.41 22.95 22.57
C VAL D 3 11.52 21.81 22.11
N LEU D 4 10.75 22.06 21.07
CA LEU D 4 9.73 21.12 20.62
C LEU D 4 9.77 21.04 19.10
N GLY D 5 9.71 19.82 18.57
CA GLY D 5 9.71 19.61 17.13
C GLY D 5 8.64 20.40 16.41
N GLY D 6 9.03 21.13 15.37
CA GLY D 6 8.10 21.82 14.50
C GLY D 6 7.91 23.30 14.75
N ILE D 7 8.37 23.81 15.90
CA ILE D 7 8.04 25.19 16.28
C ILE D 7 8.99 26.16 15.57
N GLU D 8 8.56 27.42 15.48
CA GLU D 8 9.31 28.43 14.77
C GLU D 8 10.59 28.81 15.52
N TYR D 9 11.70 28.94 14.79
CA TYR D 9 12.86 29.63 15.33
C TYR D 9 13.41 30.59 14.30
N SER D 10 14.08 31.63 14.79
CA SER D 10 14.71 32.63 13.94
C SER D 10 16.22 32.44 13.93
N ILE D 11 16.83 32.87 12.85
CA ILE D 11 18.27 32.75 12.64
C ILE D 11 18.80 34.16 12.41
N ASN D 12 19.72 34.59 13.29
CA ASN D 12 20.33 35.92 13.23
C ASN D 12 19.29 37.03 13.09
N ASN D 13 18.12 36.84 13.69
CA ASN D 13 17.07 37.86 13.72
C ASN D 13 16.60 38.24 12.32
N ALA D 14 16.83 37.38 11.33
CA ALA D 14 16.58 37.71 9.94
C ALA D 14 15.63 36.76 9.23
N THR D 15 15.76 35.45 9.45
CA THR D 15 15.06 34.44 8.67
C THR D 15 14.43 33.42 9.61
N LEU D 16 13.44 32.69 9.10
CA LEU D 16 12.68 31.73 9.89
C LEU D 16 12.90 30.31 9.40
N CYS D 17 13.04 29.39 10.35
CA CYS D 17 12.96 27.96 10.08
C CYS D 17 12.14 27.30 11.18
N SER D 18 12.04 25.98 11.14
CA SER D 18 11.27 25.21 12.10
C SER D 18 12.16 24.18 12.76
N VAL D 19 11.91 23.93 14.05
CA VAL D 19 12.71 22.96 14.79
C VAL D 19 12.51 21.56 14.23
N GLY D 20 13.61 20.82 14.11
CA GLY D 20 13.56 19.42 13.73
C GLY D 20 13.19 18.48 14.86
N PHE D 21 14.18 18.04 15.63
CA PHE D 21 13.99 17.13 16.75
C PHE D 21 14.97 17.47 17.87
N SER D 22 14.48 17.41 19.10
CA SER D 22 15.34 17.56 20.27
C SER D 22 16.34 16.41 20.35
N VAL D 23 17.61 16.76 20.65
CA VAL D 23 18.70 15.80 20.78
C VAL D 23 19.61 16.23 21.93
N THR D 24 20.44 15.28 22.37
CA THR D 24 21.52 15.57 23.30
C THR D 24 22.84 15.04 22.74
N ARG D 25 23.92 15.74 23.08
N ARG D 25 23.93 15.71 23.12
CA ARG D 25 25.28 15.25 22.85
CA ARG D 25 25.29 15.25 22.83
C ARG D 25 25.99 15.30 24.19
C ARG D 25 26.05 15.31 24.15
N GLY D 26 26.21 14.15 24.80
CA GLY D 26 26.70 14.13 26.15
C GLY D 26 25.63 14.78 26.99
N ALA D 27 25.98 15.84 27.71
CA ALA D 27 25.01 16.64 28.43
C ALA D 27 24.69 17.95 27.71
N THR D 28 25.30 18.20 26.56
CA THR D 28 24.91 19.35 25.75
C THR D 28 23.51 19.12 25.19
N LYS D 29 22.69 20.16 25.24
CA LYS D 29 21.34 20.11 24.69
C LYS D 29 21.32 20.74 23.30
N GLY D 30 20.45 20.24 22.45
CA GLY D 30 20.29 20.85 21.15
C GLY D 30 19.14 20.27 20.36
N PHE D 31 19.12 20.61 19.07
CA PHE D 31 18.16 20.03 18.16
C PHE D 31 18.75 19.98 16.76
N VAL D 32 18.33 18.98 16.00
CA VAL D 32 18.72 18.89 14.60
C VAL D 32 17.76 19.69 13.74
N THR D 33 18.23 20.08 12.57
CA THR D 33 17.42 20.86 11.62
C THR D 33 18.14 20.85 10.27
N ALA D 34 17.72 21.70 9.34
CA ALA D 34 18.29 21.73 8.01
C ALA D 34 19.52 22.65 7.98
N GLY D 35 20.54 22.23 7.22
CA GLY D 35 21.76 23.00 7.14
C GLY D 35 21.61 24.32 6.42
N HIS D 36 20.66 24.41 5.48
CA HIS D 36 20.45 25.69 4.79
C HIS D 36 19.78 26.72 5.67
N CYS D 37 19.38 26.37 6.89
CA CYS D 37 18.78 27.36 7.78
C CYS D 37 19.83 28.31 8.38
N GLY D 38 21.05 27.87 8.58
CA GLY D 38 22.08 28.76 9.10
C GLY D 38 23.50 28.25 9.00
N GLY D 39 24.47 29.18 8.95
CA GLY D 39 25.86 28.78 9.07
C GLY D 39 26.26 28.62 10.52
N VAL D 40 27.39 27.96 10.74
CA VAL D 40 27.91 27.77 12.10
C VAL D 40 28.05 29.12 12.79
N GLY D 41 27.58 29.19 14.04
CA GLY D 41 27.63 30.39 14.83
C GLY D 41 26.40 31.27 14.75
N ALA D 42 25.53 31.05 13.77
CA ALA D 42 24.33 31.87 13.64
C ALA D 42 23.44 31.71 14.86
N ILE D 43 22.96 32.84 15.38
CA ILE D 43 22.21 32.88 16.63
C ILE D 43 20.76 32.47 16.37
N VAL D 44 20.22 31.64 17.26
CA VAL D 44 18.89 31.08 17.10
C VAL D 44 18.02 31.58 18.24
N ARG D 45 16.88 32.18 17.89
CA ARG D 45 15.91 32.68 18.85
C ARG D 45 14.62 31.89 18.75
N ILE D 46 13.98 31.62 19.89
N ILE D 46 14.05 31.55 19.92
CA ILE D 46 12.62 31.12 19.89
CA ILE D 46 12.83 30.80 20.07
C ILE D 46 11.76 32.13 20.66
C ILE D 46 12.00 31.42 21.19
N GLY D 47 10.75 32.67 19.97
N GLY D 47 10.74 31.72 20.92
CA GLY D 47 9.90 33.70 20.56
CA GLY D 47 9.86 32.27 21.95
C GLY D 47 10.58 35.04 20.77
C GLY D 47 10.36 33.56 22.55
N GLY D 48 11.78 35.23 20.25
N GLY D 48 10.93 34.44 21.73
CA GLY D 48 12.56 36.42 20.50
CA GLY D 48 11.38 35.73 22.20
C GLY D 48 13.60 36.25 21.59
C GLY D 48 12.65 35.73 23.02
N THR D 49 13.71 35.05 22.18
N THR D 49 13.51 34.73 22.87
CA THR D 49 14.67 34.75 23.23
CA THR D 49 14.76 34.73 23.60
C THR D 49 15.83 33.95 22.64
C THR D 49 15.82 33.88 22.88
N GLN D 50 17.06 34.34 22.98
CA GLN D 50 18.23 33.60 22.51
C GLN D 50 18.34 32.25 23.22
N VAL D 51 18.48 31.18 22.45
CA VAL D 51 18.61 29.85 23.01
C VAL D 51 19.90 29.14 22.61
N GLY D 52 20.57 29.58 21.55
CA GLY D 52 21.83 28.96 21.20
C GLY D 52 22.23 29.34 19.79
N SER D 53 23.01 28.47 19.18
CA SER D 53 23.58 28.80 17.89
C SER D 53 23.86 27.52 17.12
N PHE D 54 23.88 27.66 15.80
CA PHE D 54 24.23 26.53 14.94
C PHE D 54 25.59 25.98 15.33
N ALA D 55 25.62 24.71 15.73
CA ALA D 55 26.84 24.06 16.16
C ALA D 55 27.65 23.49 14.99
N ALA D 56 26.96 22.96 13.99
CA ALA D 56 27.62 22.29 12.88
C ALA D 56 26.62 22.17 11.74
N ARG D 57 27.13 22.08 10.52
CA ARG D 57 26.23 21.91 9.39
C ARG D 57 26.99 21.40 8.20
N VAL D 58 26.23 20.80 7.27
CA VAL D 58 26.70 20.50 5.93
C VAL D 58 25.60 20.97 4.97
N PHE D 59 25.92 21.98 4.16
CA PHE D 59 25.00 22.38 3.10
C PHE D 59 25.75 23.27 2.12
N PRO D 60 25.65 23.02 0.80
CA PRO D 60 24.89 21.92 0.16
C PRO D 60 25.62 20.57 0.21
N GLY D 61 25.48 19.74 -0.84
CA GLY D 61 25.93 18.36 -0.74
C GLY D 61 25.01 17.52 0.15
N ASN D 62 24.92 17.88 1.43
CA ASN D 62 23.86 17.44 2.32
C ASN D 62 23.00 18.66 2.67
N ASP D 63 22.05 18.47 3.60
CA ASP D 63 21.28 19.61 4.13
C ASP D 63 20.93 19.27 5.59
N ARG D 64 21.94 19.36 6.45
CA ARG D 64 21.83 18.92 7.83
C ARG D 64 22.54 19.90 8.74
N ALA D 65 22.06 19.97 9.98
CA ALA D 65 22.61 20.89 10.97
C ALA D 65 22.15 20.44 12.35
N TRP D 66 22.90 20.86 13.37
CA TRP D 66 22.36 20.81 14.72
C TRP D 66 22.70 22.12 15.43
N VAL D 67 21.76 22.54 16.27
CA VAL D 67 21.85 23.81 16.99
C VAL D 67 22.08 23.46 18.45
N SER D 68 23.15 24.01 19.04
CA SER D 68 23.37 23.79 20.46
C SER D 68 22.46 24.73 21.26
N VAL D 69 21.87 24.19 22.32
CA VAL D 69 20.85 24.90 23.11
C VAL D 69 21.39 25.09 24.53
N GLY D 70 21.25 26.32 25.05
CA GLY D 70 21.67 26.58 26.42
C GLY D 70 20.94 25.70 27.42
N SER D 71 21.65 25.32 28.49
CA SER D 71 21.14 24.33 29.44
C SER D 71 20.00 24.87 30.29
N ALA D 72 19.78 26.19 30.30
CA ALA D 72 18.62 26.74 30.98
C ALA D 72 17.31 26.27 30.37
N HIS D 73 17.33 25.85 29.10
CA HIS D 73 16.12 25.52 28.38
C HIS D 73 15.81 24.03 28.47
N THR D 74 14.59 23.67 28.12
N THR D 74 14.58 23.68 28.11
CA THR D 74 14.11 22.31 28.22
CA THR D 74 14.10 22.30 28.22
C THR D 74 13.89 21.72 26.83
C THR D 74 13.86 21.72 26.83
N LEU D 75 14.18 20.44 26.68
CA LEU D 75 13.94 19.72 25.44
C LEU D 75 12.79 18.74 25.67
N GLN D 76 11.85 18.68 24.72
CA GLN D 76 10.80 17.68 24.76
CA GLN D 76 10.78 17.70 24.74
C GLN D 76 11.01 16.70 23.62
N GLY D 77 11.02 15.41 23.94
CA GLY D 77 11.16 14.40 22.93
C GLY D 77 9.85 14.22 22.18
N ALA D 78 9.39 15.29 21.52
CA ALA D 78 8.08 15.30 20.91
C ALA D 78 8.02 16.37 19.84
N VAL D 79 6.93 16.34 19.06
CA VAL D 79 6.69 17.30 17.99
C VAL D 79 5.31 17.91 18.22
N SER D 80 5.16 19.19 17.91
CA SER D 80 3.87 19.86 18.06
C SER D 80 2.91 19.45 16.96
N ASN D 81 1.63 19.25 17.31
CA ASN D 81 0.64 18.93 16.29
C ASN D 81 -0.11 20.16 15.79
N TYR D 82 0.30 21.35 16.22
CA TYR D 82 -0.32 22.63 15.86
C TYR D 82 -1.81 22.68 16.18
N SER D 83 -2.30 21.77 17.03
CA SER D 83 -3.64 21.91 17.59
C SER D 83 -3.60 21.77 19.11
N GLY D 84 -2.58 22.36 19.75
CA GLY D 84 -2.47 22.41 21.18
C GLY D 84 -1.91 21.15 21.82
N GLY D 85 -1.52 20.17 21.04
CA GLY D 85 -0.96 18.95 21.60
C GLY D 85 0.39 18.62 21.01
N THR D 86 0.90 17.43 21.33
CA THR D 86 2.20 16.97 20.85
C THR D 86 2.09 15.51 20.45
N ILE D 87 3.03 15.08 19.61
CA ILE D 87 3.25 13.67 19.28
C ILE D 87 4.59 13.26 19.83
N ALA D 88 4.61 12.20 20.63
CA ALA D 88 5.85 11.76 21.24
C ALA D 88 6.73 11.05 20.22
N ILE D 89 8.02 11.32 20.28
CA ILE D 89 9.01 10.64 19.46
C ILE D 89 9.52 9.44 20.23
N ARG D 90 9.51 8.26 19.59
CA ARG D 90 9.88 7.02 20.25
C ARG D 90 11.13 6.37 19.68
N GLY D 91 11.68 6.93 18.60
CA GLY D 91 12.83 6.34 17.94
C GLY D 91 13.02 6.99 16.58
N SER D 92 13.86 6.36 15.77
CA SER D 92 14.13 6.85 14.42
C SER D 92 14.17 5.70 13.42
N ALA D 93 13.19 4.81 13.49
CA ALA D 93 13.08 3.75 12.50
C ALA D 93 12.61 4.34 11.18
N GLU D 94 13.38 4.08 10.12
CA GLU D 94 13.11 4.65 8.82
C GLU D 94 11.91 3.95 8.18
N ALA D 95 11.04 4.74 7.56
CA ALA D 95 9.82 4.21 6.99
C ALA D 95 10.02 3.88 5.52
N ALA D 96 9.37 2.81 5.07
CA ALA D 96 9.54 2.37 3.69
C ALA D 96 8.78 3.29 2.73
N ILE D 97 9.15 3.20 1.46
CA ILE D 97 8.42 3.84 0.37
C ILE D 97 6.94 3.52 0.46
N GLY D 98 6.10 4.55 0.33
CA GLY D 98 4.65 4.39 0.40
C GLY D 98 4.07 4.53 1.80
N ALA D 99 4.89 4.44 2.83
CA ALA D 99 4.37 4.49 4.19
C ALA D 99 3.84 5.88 4.53
N ALA D 100 2.87 5.92 5.43
CA ALA D 100 2.32 7.20 5.88
C ALA D 100 3.33 7.99 6.70
N VAL D 101 3.30 9.30 6.56
CA VAL D 101 4.22 10.19 7.27
C VAL D 101 3.58 11.56 7.40
N CYS D 102 3.93 12.27 8.47
CA CYS D 102 3.48 13.64 8.70
C CYS D 102 4.68 14.54 8.92
N ARG D 103 4.46 15.86 8.81
CA ARG D 103 5.51 16.83 9.09
C ARG D 103 4.90 18.01 9.85
N SER D 104 5.77 18.80 10.48
CA SER D 104 5.35 19.87 11.36
C SER D 104 6.28 21.07 11.22
N GLY D 105 5.71 22.23 10.93
CA GLY D 105 6.47 23.47 10.79
C GLY D 105 5.58 24.67 10.97
N ARG D 106 6.20 25.84 10.94
CA ARG D 106 5.55 27.08 11.38
C ARG D 106 4.74 27.78 10.31
N THR D 107 4.83 27.37 9.06
CA THR D 107 4.08 28.05 7.99
C THR D 107 2.76 27.35 7.67
N THR D 108 2.79 26.02 7.52
CA THR D 108 1.62 25.22 7.18
C THR D 108 1.21 24.29 8.31
N GLY D 109 1.92 24.33 9.43
CA GLY D 109 1.54 23.55 10.59
C GLY D 109 1.82 22.08 10.39
N TYR D 110 0.82 21.29 10.75
CA TYR D 110 0.91 19.83 10.81
C TYR D 110 0.22 19.25 9.57
N ARG D 111 1.00 18.58 8.71
CA ARG D 111 0.53 18.03 7.44
C ARG D 111 0.99 16.59 7.28
N CYS D 112 0.17 15.77 6.59
CA CYS D 112 0.44 14.35 6.47
C CYS D 112 0.34 13.89 5.02
N GLY D 113 0.93 12.72 4.78
CA GLY D 113 1.08 12.21 3.42
C GLY D 113 1.78 10.88 3.46
N ASN D 114 2.44 10.54 2.37
CA ASN D 114 3.20 9.30 2.30
C ASN D 114 4.58 9.57 1.72
N ILE D 115 5.50 8.65 2.02
CA ILE D 115 6.79 8.63 1.34
C ILE D 115 6.59 8.16 -0.09
N THR D 116 7.09 8.94 -1.07
CA THR D 116 6.91 8.60 -2.47
C THR D 116 8.20 8.35 -3.24
N ALA D 117 9.37 8.74 -2.71
CA ALA D 117 10.62 8.43 -3.41
C ALA D 117 11.77 8.55 -2.43
N LYS D 118 12.88 7.89 -2.78
CA LYS D 118 14.08 8.00 -1.97
C LYS D 118 15.28 8.24 -2.87
N ASN D 119 16.34 8.77 -2.25
CA ASN D 119 17.60 9.03 -2.93
C ASN D 119 17.43 10.05 -4.04
N VAL D 120 16.69 11.13 -3.76
CA VAL D 120 16.45 12.22 -4.71
C VAL D 120 17.54 13.26 -4.58
N THR D 121 18.06 13.74 -5.71
CA THR D 121 18.96 14.88 -5.73
C THR D 121 18.17 16.12 -6.11
N ALA D 122 18.28 17.15 -5.27
CA ALA D 122 17.69 18.45 -5.52
C ALA D 122 18.76 19.40 -6.02
N ASN D 123 18.41 20.24 -6.99
CA ASN D 123 19.32 21.24 -7.52
C ASN D 123 18.85 22.60 -7.02
N TYR D 124 19.22 22.90 -5.79
CA TYR D 124 18.94 24.20 -5.19
C TYR D 124 19.83 25.27 -5.81
N ALA D 125 19.43 26.53 -5.60
CA ALA D 125 20.21 27.64 -6.12
C ALA D 125 21.64 27.62 -5.59
N GLU D 126 21.83 27.23 -4.34
CA GLU D 126 23.16 27.19 -3.74
C GLU D 126 23.93 25.93 -4.06
N GLY D 127 23.31 24.97 -4.74
CA GLY D 127 24.01 23.75 -5.12
C GLY D 127 23.18 22.48 -5.05
N ALA D 128 23.81 21.37 -5.40
CA ALA D 128 23.15 20.07 -5.36
C ALA D 128 23.10 19.56 -3.93
N VAL D 129 22.00 18.90 -3.59
CA VAL D 129 21.86 18.17 -2.34
C VAL D 129 21.34 16.80 -2.70
N ARG D 130 22.00 15.76 -2.20
CA ARG D 130 21.76 14.39 -2.65
C ARG D 130 21.09 13.56 -1.58
N GLY D 131 20.54 12.43 -2.01
CA GLY D 131 20.08 11.43 -1.06
C GLY D 131 18.83 11.80 -0.30
N LEU D 132 18.06 12.77 -0.78
CA LEU D 132 16.87 13.23 -0.07
C LEU D 132 15.70 12.26 -0.25
N THR D 133 14.85 12.19 0.77
CA THR D 133 13.62 11.41 0.69
C THR D 133 12.47 12.34 0.34
N GLN D 134 11.57 11.84 -0.50
CA GLN D 134 10.44 12.62 -1.01
C GLN D 134 9.15 12.09 -0.39
N GLY D 135 8.28 13.03 -0.02
CA GLY D 135 6.93 12.69 0.40
C GLY D 135 5.97 13.66 -0.27
N ASN D 136 4.67 13.38 -0.15
CA ASN D 136 3.69 14.28 -0.72
C ASN D 136 2.87 15.02 0.33
N ALA D 137 3.30 15.01 1.59
CA ALA D 137 2.75 15.99 2.51
C ALA D 137 3.14 17.38 2.02
N CYS D 138 2.21 18.33 2.13
CA CYS D 138 2.51 19.66 1.62
C CYS D 138 3.32 20.45 2.65
N MET D 139 3.74 21.65 2.27
N MET D 139 3.82 21.61 2.23
CA MET D 139 4.78 22.38 2.98
CA MET D 139 4.74 22.41 3.04
C MET D 139 4.87 23.78 2.39
C MET D 139 4.90 23.77 2.39
N GLY D 140 5.54 24.68 3.12
CA GLY D 140 5.72 26.02 2.63
C GLY D 140 6.95 26.69 3.23
N ARG D 141 7.37 27.77 2.56
CA ARG D 141 8.51 28.58 3.00
C ARG D 141 8.37 28.95 4.46
N GLY D 142 9.34 28.54 5.27
CA GLY D 142 9.26 28.67 6.73
C GLY D 142 9.24 27.34 7.44
N ASP D 143 8.74 26.29 6.76
CA ASP D 143 8.72 24.95 7.31
C ASP D 143 10.11 24.30 7.31
N SER D 144 11.08 24.89 6.61
CA SER D 144 12.44 24.36 6.50
C SER D 144 13.00 23.95 7.85
N GLY D 145 13.70 22.82 7.85
CA GLY D 145 14.29 22.27 9.05
C GLY D 145 13.35 21.48 9.93
N GLY D 146 12.03 21.51 9.65
CA GLY D 146 11.05 20.94 10.56
C GLY D 146 10.92 19.42 10.49
N SER D 147 10.27 18.87 11.52
CA SER D 147 10.19 17.44 11.72
C SER D 147 9.40 16.75 10.61
N TRP D 148 9.91 15.60 10.16
CA TRP D 148 9.17 14.60 9.40
C TRP D 148 9.20 13.35 10.27
N PHE D 149 8.05 12.69 10.43
CA PHE D 149 7.88 11.65 11.44
C PHE D 149 6.63 10.83 11.11
N THR D 150 6.64 9.56 11.50
CA THR D 150 5.42 8.78 11.37
C THR D 150 4.51 9.06 12.56
N SER D 151 3.21 8.80 12.37
CA SER D 151 2.24 9.07 13.44
C SER D 151 2.53 8.28 14.70
N ALA D 152 3.06 7.07 14.56
CA ALA D 152 3.46 6.27 15.71
C ALA D 152 4.78 6.73 16.35
N GLY D 153 5.28 7.91 15.99
CA GLY D 153 6.37 8.53 16.72
C GLY D 153 7.78 8.21 16.28
N GLN D 154 8.01 7.79 15.03
CA GLN D 154 9.36 7.53 14.54
C GLN D 154 9.86 8.73 13.73
N ALA D 155 10.89 9.38 14.24
CA ALA D 155 11.50 10.50 13.53
C ALA D 155 12.06 10.03 12.18
N GLN D 156 11.73 10.76 11.13
CA GLN D 156 12.18 10.43 9.78
C GLN D 156 13.24 11.38 9.24
N GLY D 157 13.09 12.68 9.44
CA GLY D 157 14.04 13.62 8.88
C GLY D 157 13.60 15.05 9.08
N VAL D 158 14.33 15.95 8.41
CA VAL D 158 14.11 17.40 8.55
C VAL D 158 13.82 17.99 7.18
N MET D 159 12.90 18.96 7.18
CA MET D 159 12.43 19.60 5.94
C MET D 159 13.58 20.27 5.19
N SER D 160 13.72 19.95 3.91
CA SER D 160 14.83 20.51 3.11
C SER D 160 14.36 21.40 1.95
N GLY D 161 13.37 20.97 1.18
CA GLY D 161 12.86 21.82 0.12
C GLY D 161 11.79 21.11 -0.69
N GLY D 162 11.43 21.70 -1.83
CA GLY D 162 10.44 21.11 -2.71
C GLY D 162 9.75 22.15 -3.56
N ASN D 163 8.68 21.71 -4.26
CA ASN D 163 8.10 22.48 -5.37
C ASN D 163 6.95 23.37 -4.89
N VAL D 164 7.31 24.36 -4.05
CA VAL D 164 6.31 25.35 -3.65
C VAL D 164 5.85 26.12 -4.87
N GLN D 165 4.65 26.70 -4.78
CA GLN D 165 4.08 27.49 -5.86
C GLN D 165 4.26 28.98 -5.57
N SER D 166 3.63 29.82 -6.41
CA SER D 166 3.75 31.26 -6.22
CA SER D 166 3.71 31.27 -6.23
C SER D 166 3.23 31.70 -4.85
N ASN D 167 2.25 30.98 -4.29
CA ASN D 167 1.74 31.32 -2.96
C ASN D 167 2.70 30.92 -1.83
N GLY D 168 3.86 30.35 -2.17
CA GLY D 168 4.85 29.98 -1.19
C GLY D 168 4.75 28.57 -0.66
N ASN D 169 3.74 27.81 -1.06
CA ASN D 169 3.55 26.46 -0.54
C ASN D 169 3.09 25.55 -1.66
N ASN D 170 3.06 24.24 -1.40
CA ASN D 170 2.44 23.32 -2.34
C ASN D 170 1.19 22.67 -1.72
N CYS D 171 0.57 23.36 -0.76
CA CYS D 171 -0.68 22.87 -0.19
C CYS D 171 -1.88 23.12 -1.09
N GLY D 172 -1.78 24.05 -2.05
CA GLY D 172 -2.85 24.39 -2.95
C GLY D 172 -2.96 23.52 -4.18
N ILE D 173 -2.24 22.40 -4.24
CA ILE D 173 -2.36 21.42 -5.30
C ILE D 173 -2.50 20.05 -4.63
N PRO D 174 -3.06 19.08 -5.34
CA PRO D 174 -3.24 17.75 -4.72
C PRO D 174 -1.92 17.04 -4.50
N ALA D 175 -1.92 16.16 -3.50
CA ALA D 175 -0.71 15.46 -3.10
C ALA D 175 0.00 14.82 -4.30
N SER D 176 -0.78 14.28 -5.26
CA SER D 176 -0.18 13.62 -6.42
C SER D 176 0.75 14.53 -7.21
N GLN D 177 0.63 15.84 -7.05
CA GLN D 177 1.44 16.82 -7.76
C GLN D 177 2.59 17.39 -6.93
N ARG D 178 2.83 16.89 -5.72
CA ARG D 178 3.74 17.53 -4.77
C ARG D 178 5.08 16.81 -4.70
N SER D 179 6.15 17.59 -4.58
CA SER D 179 7.48 17.09 -4.25
C SER D 179 7.93 17.81 -2.99
N SER D 180 8.02 17.09 -1.88
CA SER D 180 8.40 17.67 -0.59
C SER D 180 9.55 16.83 -0.07
N LEU D 181 10.73 17.43 0.02
CA LEU D 181 11.96 16.69 0.24
C LEU D 181 12.48 16.90 1.65
N PHE D 182 12.90 15.82 2.29
CA PHE D 182 13.51 15.94 3.61
C PHE D 182 14.82 15.16 3.68
N GLU D 183 15.71 15.65 4.53
CA GLU D 183 17.00 15.05 4.81
C GLU D 183 16.80 13.99 5.90
N ARG D 184 17.27 12.77 5.64
CA ARG D 184 17.04 11.69 6.59
CA ARG D 184 17.06 11.68 6.59
C ARG D 184 17.75 11.96 7.92
N VAL D 185 17.03 11.73 9.03
CA VAL D 185 17.57 12.08 10.34
C VAL D 185 18.70 11.14 10.77
N GLY D 186 18.66 9.87 10.34
CA GLY D 186 19.64 8.89 10.75
C GLY D 186 21.08 9.35 10.58
N PRO D 187 21.47 9.73 9.37
CA PRO D 187 22.88 10.14 9.16
C PRO D 187 23.30 11.34 9.98
N ILE D 188 22.36 12.20 10.37
CA ILE D 188 22.70 13.39 11.16
C ILE D 188 23.09 12.98 12.58
N LEU D 189 22.23 12.22 13.25
CA LEU D 189 22.56 11.71 14.57
C LEU D 189 23.91 11.02 14.57
N SER D 190 24.16 10.18 13.55
N SER D 190 24.16 10.21 13.53
CA SER D 190 25.39 9.41 13.50
CA SER D 190 25.37 9.41 13.45
C SER D 190 26.61 10.31 13.25
C SER D 190 26.60 10.26 13.20
N GLN D 191 26.51 11.22 12.28
CA GLN D 191 27.67 12.04 11.93
C GLN D 191 28.11 12.89 13.11
N TYR D 192 27.15 13.44 13.86
CA TYR D 192 27.43 14.40 14.92
C TYR D 192 27.32 13.79 16.31
N GLY D 193 27.18 12.47 16.41
CA GLY D 193 27.15 11.83 17.73
C GLY D 193 25.99 12.28 18.59
N LEU D 194 24.81 12.42 18.00
CA LEU D 194 23.64 12.93 18.69
C LEU D 194 22.71 11.80 19.03
N SER D 195 21.98 11.96 20.14
CA SER D 195 20.98 11.00 20.60
C SER D 195 19.62 11.68 20.68
N LEU D 196 18.65 11.11 19.96
CA LEU D 196 17.30 11.62 19.92
C LEU D 196 16.67 11.57 21.30
N VAL D 197 16.14 12.71 21.76
CA VAL D 197 15.34 12.70 22.99
C VAL D 197 13.99 12.05 22.68
N THR D 198 13.61 11.06 23.49
CA THR D 198 12.36 10.35 23.32
C THR D 198 11.47 10.55 24.53
N SER D 199 10.19 10.23 24.39
CA SER D 199 9.24 10.35 25.49
C SER D 199 8.07 9.42 25.23
#